data_1YR2
#
_entry.id   1YR2
#
_cell.length_a   53.341
_cell.length_b   91.224
_cell.length_c   79.787
_cell.angle_alpha   90.00
_cell.angle_beta   91.00
_cell.angle_gamma   90.00
#
_symmetry.space_group_name_H-M   'P 1 21 1'
#
loop_
_entity.id
_entity.type
_entity.pdbx_description
1 polymer 'prolyl oligopeptidase'
2 non-polymer GLYCEROL
3 water water
#
_entity_poly.entity_id   1
_entity_poly.type   'polypeptide(L)'
_entity_poly.pdbx_seq_one_letter_code
;MKNRLWLAMAAPLALATPVAFAQTPPTLAKDQAMPSLPPYPASPQVPLVEDHFGEKVSDPWRWLEADVRTDAKVAAWVQA
QSAYTAAYLKQLPERAALEKRMKALIDYERFGLPQRRGASVFYSWNSGLMNQSQLLVRPADAPVGTKGRVLLDPNTWAKD
GATALDAWAASDDGRLLAYSVQDGGSDWRTVKFVGVADGKPLADELKWVKFSGLAWLGNDALLYSRFAEPKEGQAFQALN
YNQTVWLHRLGTPQSADQPVFATPELPKRGHGASVSSDGRWVVITSSEGTDPVNTVHVARVTNGKIGPVTALIPDLKAQW
DFVDGVGDQLWFVSGDGAPLKKIVRVDLSGSTPRFDTVVPESKDNLESVGIAGNRLFASYIHDAKSQVLAFDLDGKPAGA
VSLPGIGSASGLSGRPGDRHAYLSFSSFTQPATVLALDPATAKTTPWEPVHLTFDPADFRVEQVFYPSKDGTKVPMFIVR
RKDAKGPLPTLLYGYGGFNVALTPWFSAGFMTWIDSGGAFALANLRGGGEYGDAWHDAGRRDKKQNVFDDFIAAGEWLIA
NGVTPRHGLAIEGGSNGGLLIGAVTNQRPDLFAAASPAVGVMDMLRFDQFTAGRYWVDDYGYPEKEADWRVLRRYSPYHN
VRSGVDYPAILVTTADTDDRVVPGHSFKYTAALQTAAIGPKPHLIRIETRAGHGSGKPIDKQIEETADVQAFLAHFTGLT
PRPWSSVDKLAAALEHHHHHH
;
_entity_poly.pdbx_strand_id   A
#
loop_
_chem_comp.id
_chem_comp.type
_chem_comp.name
_chem_comp.formula
GOL non-polymer GLYCEROL 'C3 H8 O3'
#
# COMPACT_ATOMS: atom_id res chain seq x y z
N PRO A 38 -26.85 18.91 -23.54
CA PRO A 38 -26.80 18.83 -25.05
C PRO A 38 -26.77 17.38 -25.45
N PRO A 39 -27.20 17.01 -26.63
CA PRO A 39 -27.32 15.58 -26.95
C PRO A 39 -25.96 14.85 -27.00
N TYR A 40 -25.96 13.59 -26.54
CA TYR A 40 -24.75 12.82 -26.54
C TYR A 40 -24.18 12.66 -27.96
N PRO A 41 -22.86 12.48 -28.10
CA PRO A 41 -22.31 12.06 -29.38
C PRO A 41 -22.87 10.70 -29.76
N ALA A 42 -22.91 10.42 -31.07
CA ALA A 42 -23.49 9.19 -31.54
C ALA A 42 -22.71 7.96 -31.04
N SER A 43 -23.44 6.90 -30.73
CA SER A 43 -22.81 5.59 -30.54
C SER A 43 -23.49 4.60 -31.49
N PRO A 44 -23.16 4.61 -32.78
CA PRO A 44 -23.82 3.71 -33.74
C PRO A 44 -23.79 2.24 -33.31
N GLN A 45 -24.86 1.51 -33.57
CA GLN A 45 -24.94 0.09 -33.22
C GLN A 45 -24.72 -0.75 -34.46
N VAL A 46 -23.95 -1.82 -34.32
CA VAL A 46 -23.85 -2.85 -35.34
C VAL A 46 -24.60 -4.01 -34.68
N PRO A 47 -25.84 -4.25 -35.07
CA PRO A 47 -26.66 -5.27 -34.40
C PRO A 47 -25.96 -6.63 -34.38
N LEU A 48 -25.97 -7.28 -33.24
CA LEU A 48 -25.30 -8.56 -33.06
C LEU A 48 -25.93 -9.25 -31.86
N VAL A 49 -26.55 -10.40 -32.10
CA VAL A 49 -27.11 -11.21 -31.04
C VAL A 49 -26.59 -12.62 -31.23
N GLU A 50 -26.00 -13.16 -30.19
CA GLU A 50 -25.38 -14.48 -30.18
C GLU A 50 -26.10 -15.38 -29.22
N ASP A 51 -26.11 -16.68 -29.51
CA ASP A 51 -26.66 -17.68 -28.60
C ASP A 51 -25.61 -18.18 -27.60
N HIS A 52 -25.89 -18.08 -26.31
CA HIS A 52 -24.98 -18.57 -25.30
C HIS A 52 -25.83 -19.37 -24.33
N PHE A 53 -25.62 -20.68 -24.26
CA PHE A 53 -26.26 -21.55 -23.28
C PHE A 53 -27.78 -21.44 -23.26
N GLY A 54 -28.37 -21.35 -24.46
CA GLY A 54 -29.83 -21.23 -24.62
C GLY A 54 -30.40 -19.82 -24.45
N GLU A 55 -29.50 -18.86 -24.22
CA GLU A 55 -29.87 -17.47 -24.01
C GLU A 55 -29.41 -16.61 -25.21
N LYS A 56 -30.06 -15.48 -25.44
CA LYS A 56 -29.60 -14.53 -26.43
C LYS A 56 -28.90 -13.40 -25.70
N VAL A 57 -27.75 -12.98 -26.24
CA VAL A 57 -26.92 -11.89 -25.71
C VAL A 57 -26.68 -10.88 -26.81
N SER A 58 -27.15 -9.66 -26.61
CA SER A 58 -26.90 -8.58 -27.53
C SER A 58 -25.62 -7.84 -27.18
N ASP A 59 -24.84 -7.49 -28.22
CA ASP A 59 -23.56 -6.78 -28.05
C ASP A 59 -23.37 -5.85 -29.22
N PRO A 60 -24.16 -4.79 -29.26
CA PRO A 60 -24.16 -3.88 -30.41
C PRO A 60 -22.94 -2.97 -30.55
N TRP A 61 -22.10 -2.92 -29.53
CA TRP A 61 -20.94 -2.02 -29.51
C TRP A 61 -19.63 -2.79 -29.47
N ARG A 62 -19.65 -4.03 -29.95
CA ARG A 62 -18.42 -4.80 -30.00
C ARG A 62 -17.32 -4.09 -30.79
N TRP A 63 -17.72 -3.29 -31.77
CA TRP A 63 -16.74 -2.52 -32.57
C TRP A 63 -15.88 -1.55 -31.72
N LEU A 64 -16.41 -1.12 -30.58
CA LEU A 64 -15.68 -0.24 -29.65
C LEU A 64 -14.56 -0.98 -28.89
N GLU A 65 -14.43 -2.28 -29.12
CA GLU A 65 -13.32 -3.04 -28.58
C GLU A 65 -12.02 -2.86 -29.41
N ALA A 66 -12.12 -2.33 -30.63
CA ALA A 66 -10.95 -2.20 -31.48
C ALA A 66 -9.99 -1.14 -30.97
N ASP A 67 -8.70 -1.34 -31.26
CA ASP A 67 -7.63 -0.43 -30.79
C ASP A 67 -7.80 1.01 -31.38
N VAL A 68 -7.88 2.01 -30.51
CA VAL A 68 -8.05 3.39 -30.93
C VAL A 68 -6.91 3.86 -31.83
N ARG A 69 -5.73 3.26 -31.70
CA ARG A 69 -4.58 3.66 -32.52
C ARG A 69 -4.65 3.19 -33.97
N THR A 70 -5.46 2.17 -34.26
CA THR A 70 -5.54 1.64 -35.62
C THR A 70 -6.94 1.58 -36.20
N ASP A 71 -7.95 2.03 -35.45
CA ASP A 71 -9.33 1.95 -35.90
C ASP A 71 -9.94 3.35 -35.90
N ALA A 72 -10.16 3.88 -37.10
CA ALA A 72 -10.76 5.20 -37.32
C ALA A 72 -12.11 5.37 -36.62
N LYS A 73 -12.95 4.34 -36.63
CA LYS A 73 -14.28 4.45 -36.05
C LYS A 73 -14.16 4.71 -34.54
N VAL A 74 -13.32 3.92 -33.87
CA VAL A 74 -13.10 4.08 -32.41
C VAL A 74 -12.44 5.45 -32.12
N ALA A 75 -11.47 5.83 -32.94
CA ALA A 75 -10.78 7.08 -32.75
C ALA A 75 -11.77 8.23 -32.84
N ALA A 76 -12.71 8.16 -33.76
CA ALA A 76 -13.69 9.24 -33.98
C ALA A 76 -14.63 9.32 -32.78
N TRP A 77 -15.03 8.17 -32.25
CA TRP A 77 -15.93 8.12 -31.10
C TRP A 77 -15.21 8.68 -29.87
N VAL A 78 -13.97 8.23 -29.67
CA VAL A 78 -13.15 8.71 -28.56
C VAL A 78 -12.99 10.23 -28.62
N GLN A 79 -12.68 10.78 -29.79
CA GLN A 79 -12.47 12.22 -29.90
C GLN A 79 -13.74 13.01 -29.51
N ALA A 80 -14.90 12.58 -30.03
CA ALA A 80 -16.21 13.16 -29.75
C ALA A 80 -16.62 13.05 -28.28
N GLN A 81 -16.44 11.88 -27.66
CA GLN A 81 -16.86 11.71 -26.26
C GLN A 81 -15.95 12.53 -25.35
N SER A 82 -14.66 12.53 -25.65
CA SER A 82 -13.68 13.21 -24.84
C SER A 82 -13.94 14.70 -24.85
N ALA A 83 -14.21 15.26 -26.01
CA ALA A 83 -14.47 16.69 -26.13
C ALA A 83 -15.79 17.05 -25.46
N TYR A 84 -16.80 16.18 -25.64
CA TYR A 84 -18.12 16.36 -25.04
C TYR A 84 -18.01 16.39 -23.50
N THR A 85 -17.23 15.48 -22.95
CA THR A 85 -17.09 15.44 -21.51
C THR A 85 -16.28 16.65 -20.99
N ALA A 86 -15.24 17.01 -21.71
CA ALA A 86 -14.37 18.10 -21.26
C ALA A 86 -15.14 19.43 -21.20
N ALA A 87 -16.00 19.66 -22.20
CA ALA A 87 -16.91 20.81 -22.27
C ALA A 87 -17.88 20.88 -21.09
N TYR A 88 -18.39 19.73 -20.64
CA TYR A 88 -19.26 19.70 -19.48
C TYR A 88 -18.47 19.99 -18.18
N LEU A 89 -17.33 19.31 -18.01
CA LEU A 89 -16.59 19.36 -16.76
C LEU A 89 -16.02 20.76 -16.48
N LYS A 90 -15.68 21.48 -17.55
CA LYS A 90 -15.10 22.85 -17.47
C LYS A 90 -16.12 23.82 -16.89
N GLN A 91 -17.40 23.46 -16.95
CA GLN A 91 -18.51 24.26 -16.43
C GLN A 91 -18.75 24.09 -14.91
N LEU A 92 -18.20 23.07 -14.28
CA LEU A 92 -18.51 22.83 -12.86
C LEU A 92 -17.78 23.83 -11.97
N PRO A 93 -18.52 24.63 -11.20
CA PRO A 93 -17.88 25.67 -10.40
C PRO A 93 -17.14 25.11 -9.16
N GLU A 94 -17.32 23.85 -8.77
CA GLU A 94 -16.60 23.30 -7.61
C GLU A 94 -15.13 22.96 -7.96
N ARG A 95 -14.81 22.88 -9.25
CA ARG A 95 -13.54 22.31 -9.69
C ARG A 95 -12.31 23.06 -9.24
N ALA A 96 -12.38 24.38 -9.36
CA ALA A 96 -11.27 25.26 -9.03
C ALA A 96 -10.73 25.06 -7.63
N ALA A 97 -11.65 25.00 -6.67
CA ALA A 97 -11.31 24.92 -5.27
C ALA A 97 -10.73 23.55 -4.96
N LEU A 98 -11.25 22.54 -5.63
CA LEU A 98 -10.75 21.17 -5.41
C LEU A 98 -9.37 20.98 -5.99
N GLU A 99 -9.16 21.47 -7.22
CA GLU A 99 -7.84 21.40 -7.88
C GLU A 99 -6.77 22.11 -7.04
N LYS A 100 -7.14 23.25 -6.48
CA LYS A 100 -6.23 24.05 -5.67
C LYS A 100 -5.88 23.29 -4.37
N ARG A 101 -6.87 22.71 -3.72
CA ARG A 101 -6.62 21.95 -2.50
C ARG A 101 -5.68 20.78 -2.80
N MET A 102 -5.96 20.02 -3.84
CA MET A 102 -5.20 18.82 -4.13
C MET A 102 -3.74 19.15 -4.48
N LYS A 103 -3.54 20.16 -5.33
CA LYS A 103 -2.20 20.59 -5.66
C LYS A 103 -1.42 20.90 -4.35
N ALA A 104 -2.06 21.53 -3.39
CA ALA A 104 -1.35 21.98 -2.20
C ALA A 104 -0.99 20.80 -1.26
N LEU A 105 -1.67 19.67 -1.45
CA LEU A 105 -1.50 18.45 -0.62
C LEU A 105 -0.41 17.48 -1.08
N ILE A 106 0.08 17.64 -2.32
CA ILE A 106 1.01 16.62 -2.93
C ILE A 106 2.44 16.57 -2.40
N ASP A 107 3.09 17.72 -2.27
CA ASP A 107 4.51 17.80 -2.00
C ASP A 107 4.67 18.24 -0.57
N TYR A 108 5.30 17.39 0.22
CA TYR A 108 5.64 17.74 1.58
C TYR A 108 6.88 16.95 2.00
N GLU A 109 7.58 17.43 3.01
CA GLU A 109 8.78 16.75 3.50
C GLU A 109 8.46 15.39 4.13
N ARG A 110 9.47 14.50 4.12
CA ARG A 110 9.32 13.17 4.71
C ARG A 110 10.61 12.75 5.39
N PHE A 111 10.48 12.20 6.58
CA PHE A 111 11.59 11.66 7.34
C PHE A 111 11.52 10.13 7.28
N GLY A 112 12.69 9.49 7.16
CA GLY A 112 12.77 8.05 7.35
C GLY A 112 12.93 7.68 8.80
N LEU A 113 12.75 6.40 9.12
CA LEU A 113 12.98 5.92 10.45
C LEU A 113 14.46 6.08 10.74
N PRO A 114 14.77 6.66 11.90
CA PRO A 114 16.15 6.86 12.30
C PRO A 114 16.87 5.66 12.88
N GLN A 115 18.17 5.60 12.66
CA GLN A 115 19.05 4.57 13.21
C GLN A 115 20.05 5.27 14.11
N ARG A 116 20.09 4.88 15.36
CA ARG A 116 21.08 5.41 16.34
C ARG A 116 22.27 4.43 16.45
N ARG A 117 23.47 4.91 16.19
CA ARG A 117 24.68 4.12 16.42
C ARG A 117 25.72 5.05 17.03
N GLY A 118 26.33 4.60 18.12
CA GLY A 118 27.32 5.40 18.82
C GLY A 118 26.79 6.75 19.27
N ALA A 119 27.48 7.77 18.84
CA ALA A 119 27.17 9.15 19.18
C ALA A 119 26.24 9.83 18.19
N SER A 120 25.72 9.08 17.22
CA SER A 120 25.05 9.68 16.08
C SER A 120 23.69 9.04 15.80
N VAL A 121 22.82 9.82 15.17
CA VAL A 121 21.58 9.32 14.62
C VAL A 121 21.58 9.62 13.10
N PHE A 122 21.12 8.64 12.33
CA PHE A 122 21.10 8.63 10.84
C PHE A 122 19.66 8.47 10.36
N TYR A 123 19.27 9.29 9.39
CA TYR A 123 17.91 9.21 8.87
C TYR A 123 17.84 9.85 7.50
N SER A 124 17.01 9.28 6.64
CA SER A 124 16.72 9.89 5.36
C SER A 124 15.79 11.12 5.56
N TRP A 125 15.88 12.10 4.63
CA TRP A 125 15.02 13.24 4.59
C TRP A 125 14.87 13.68 3.15
N ASN A 126 13.63 13.97 2.78
CA ASN A 126 13.29 14.63 1.53
C ASN A 126 12.52 15.91 1.82
N SER A 127 12.86 17.00 1.14
CA SER A 127 12.12 18.26 1.27
C SER A 127 10.70 18.18 0.71
N GLY A 128 10.44 17.17 -0.13
CA GLY A 128 9.19 17.00 -0.84
C GLY A 128 9.49 17.22 -2.32
N LEU A 129 10.60 17.90 -2.59
CA LEU A 129 10.96 18.32 -3.94
C LEU A 129 12.04 17.49 -4.63
N MET A 130 12.72 16.63 -3.89
CA MET A 130 13.93 15.98 -4.37
C MET A 130 13.62 14.60 -4.96
N ASN A 131 14.27 14.26 -6.06
CA ASN A 131 14.05 12.96 -6.72
C ASN A 131 14.42 11.82 -5.79
N GLN A 132 15.52 11.98 -5.03
CA GLN A 132 15.92 11.00 -4.03
C GLN A 132 16.10 11.68 -2.68
N SER A 133 15.81 10.97 -1.62
CA SER A 133 16.09 11.48 -0.29
C SER A 133 17.58 11.61 -0.05
N GLN A 134 17.97 12.60 0.77
CA GLN A 134 19.31 12.68 1.31
C GLN A 134 19.40 11.78 2.54
N LEU A 135 20.63 11.43 2.91
CA LEU A 135 20.94 10.79 4.20
C LEU A 135 21.57 11.88 5.06
N LEU A 136 20.89 12.17 6.14
CA LEU A 136 21.33 13.08 7.19
C LEU A 136 21.82 12.37 8.43
N VAL A 137 22.69 13.09 9.12
CA VAL A 137 23.25 12.61 10.37
C VAL A 137 23.35 13.76 11.34
N ARG A 138 23.19 13.48 12.61
CA ARG A 138 23.43 14.52 13.61
C ARG A 138 23.79 13.86 14.95
N PRO A 139 24.32 14.59 15.93
CA PRO A 139 24.56 13.95 17.23
C PRO A 139 23.29 13.37 17.85
N ALA A 140 23.43 12.23 18.51
CA ALA A 140 22.32 11.49 19.07
C ALA A 140 21.57 12.30 20.10
N ASP A 141 22.27 13.18 20.79
CA ASP A 141 21.68 14.08 21.78
C ASP A 141 21.26 15.46 21.23
N ALA A 142 21.28 15.68 19.91
CA ALA A 142 20.84 16.98 19.37
C ALA A 142 19.35 17.06 19.57
N PRO A 143 18.83 18.24 19.87
CA PRO A 143 17.36 18.40 20.05
C PRO A 143 16.59 17.95 18.81
N VAL A 144 15.46 17.28 19.02
CA VAL A 144 14.54 17.00 17.91
C VAL A 144 14.18 18.32 17.24
N GLY A 145 14.28 18.35 15.91
CA GLY A 145 14.07 19.56 15.16
C GLY A 145 15.34 20.29 14.77
N THR A 146 16.51 19.82 15.18
CA THR A 146 17.79 20.37 14.75
C THR A 146 18.05 19.90 13.35
N LYS A 147 18.34 20.80 12.41
CA LYS A 147 18.71 20.38 11.03
C LYS A 147 19.94 19.45 11.01
N GLY A 148 19.77 18.30 10.39
CA GLY A 148 20.87 17.37 10.26
C GLY A 148 21.86 17.77 9.19
N ARG A 149 23.05 17.19 9.28
CA ARG A 149 24.11 17.41 8.29
C ARG A 149 23.93 16.41 7.14
N VAL A 150 24.08 16.87 5.91
CA VAL A 150 24.00 15.99 4.77
C VAL A 150 25.23 15.10 4.69
N LEU A 151 24.99 13.82 4.86
CA LEU A 151 26.00 12.80 4.78
C LEU A 151 26.09 12.22 3.37
N LEU A 152 24.95 11.86 2.76
CA LEU A 152 24.91 11.58 1.32
C LEU A 152 23.81 12.38 0.64
N ASP A 153 24.12 12.94 -0.53
CA ASP A 153 23.10 13.54 -1.36
C ASP A 153 23.11 12.93 -2.77
N PRO A 154 22.33 11.89 -2.96
CA PRO A 154 22.35 11.15 -4.23
C PRO A 154 21.95 11.99 -5.45
N ASN A 155 21.20 13.07 -5.22
CA ASN A 155 20.81 13.98 -6.29
C ASN A 155 22.01 14.69 -6.93
N THR A 156 23.13 14.84 -6.22
CA THR A 156 24.36 15.44 -6.78
C THR A 156 25.23 14.42 -7.53
N TRP A 157 24.86 13.15 -7.51
CA TRP A 157 25.64 12.13 -8.18
C TRP A 157 25.36 12.16 -9.69
N ALA A 162 20.70 8.96 -12.71
CA ALA A 162 21.44 7.87 -13.37
C ALA A 162 22.07 6.96 -12.29
N THR A 163 22.25 7.52 -11.11
CA THR A 163 22.94 6.83 -10.03
C THR A 163 22.11 6.98 -8.78
N ALA A 164 21.67 5.87 -8.24
CA ALA A 164 20.69 5.89 -7.15
C ALA A 164 21.32 5.30 -5.89
N LEU A 165 20.98 5.85 -4.75
CA LEU A 165 21.26 5.20 -3.46
C LEU A 165 20.20 4.19 -3.20
N ASP A 166 20.65 2.96 -3.01
CA ASP A 166 19.77 1.82 -2.77
C ASP A 166 19.66 1.63 -1.25
N ALA A 167 20.75 1.24 -0.62
CA ALA A 167 20.70 0.89 0.81
C ALA A 167 21.84 1.52 1.57
N TRP A 168 21.72 1.64 2.91
CA TRP A 168 22.80 2.18 3.73
C TRP A 168 22.74 1.50 5.10
N ALA A 169 23.89 1.45 5.77
CA ALA A 169 24.02 0.86 7.08
C ALA A 169 25.17 1.54 7.77
N ALA A 170 24.89 2.12 8.93
CA ALA A 170 25.94 2.64 9.77
C ALA A 170 26.59 1.48 10.56
N SER A 171 27.89 1.62 10.83
CA SER A 171 28.62 0.66 11.65
C SER A 171 28.10 0.64 13.09
N ASP A 172 28.50 -0.39 13.83
CA ASP A 172 27.96 -0.58 15.19
C ASP A 172 28.24 0.60 16.10
N ASP A 173 29.40 1.24 15.93
CA ASP A 173 29.73 2.40 16.76
C ASP A 173 29.49 3.75 16.06
N GLY A 174 28.97 3.69 14.84
CA GLY A 174 28.43 4.82 14.12
C GLY A 174 29.49 5.66 13.42
N ARG A 175 30.71 5.17 13.39
CA ARG A 175 31.81 5.99 12.86
C ARG A 175 32.02 5.85 11.35
N LEU A 176 31.48 4.77 10.76
CA LEU A 176 31.56 4.56 9.31
C LEU A 176 30.19 4.20 8.76
N LEU A 177 29.96 4.52 7.50
CA LEU A 177 28.71 4.20 6.86
C LEU A 177 28.98 3.54 5.53
N ALA A 178 28.30 2.44 5.30
CA ALA A 178 28.37 1.69 4.09
C ALA A 178 27.12 1.97 3.32
N TYR A 179 27.24 2.08 2.00
CA TYR A 179 26.09 2.26 1.19
C TYR A 179 26.20 1.61 -0.17
N SER A 180 25.04 1.23 -0.72
CA SER A 180 24.91 0.54 -1.99
C SER A 180 24.42 1.49 -3.08
N VAL A 181 25.07 1.47 -4.23
CA VAL A 181 24.78 2.38 -5.33
C VAL A 181 24.39 1.59 -6.58
N GLN A 182 23.35 2.05 -7.25
CA GLN A 182 22.84 1.39 -8.45
C GLN A 182 23.10 2.34 -9.58
N ASP A 183 23.74 1.86 -10.64
CA ASP A 183 23.95 2.66 -11.86
C ASP A 183 22.91 2.26 -12.89
N GLY A 184 22.14 3.25 -13.35
CA GLY A 184 21.04 3.01 -14.27
C GLY A 184 19.98 2.16 -13.61
N GLY A 185 19.47 1.19 -14.36
CA GLY A 185 18.51 0.26 -13.81
C GLY A 185 19.09 -1.12 -13.60
N SER A 186 20.42 -1.21 -13.48
CA SER A 186 21.09 -2.48 -13.22
C SER A 186 20.71 -3.10 -11.88
N ASP A 187 20.70 -4.44 -11.81
CA ASP A 187 20.58 -5.15 -10.51
C ASP A 187 21.90 -5.23 -9.75
N TRP A 188 23.01 -5.00 -10.45
CA TRP A 188 24.33 -4.98 -9.81
C TRP A 188 24.40 -3.73 -8.88
N ARG A 189 25.23 -3.81 -7.85
CA ARG A 189 25.46 -2.71 -6.95
C ARG A 189 26.94 -2.55 -6.73
N THR A 190 27.34 -1.34 -6.38
CA THR A 190 28.69 -1.09 -5.91
C THR A 190 28.51 -0.67 -4.47
N VAL A 191 29.22 -1.29 -3.53
CA VAL A 191 29.15 -0.84 -2.14
C VAL A 191 30.32 0.07 -1.85
N LYS A 192 30.04 1.24 -1.29
CA LYS A 192 31.05 2.28 -1.02
C LYS A 192 30.92 2.62 0.48
N PHE A 193 31.85 3.40 0.97
CA PHE A 193 31.89 3.73 2.38
C PHE A 193 32.24 5.23 2.53
N VAL A 194 31.69 5.84 3.57
CA VAL A 194 32.03 7.20 3.95
C VAL A 194 32.36 7.22 5.46
N GLY A 195 33.32 8.07 5.84
CA GLY A 195 33.60 8.35 7.23
C GLY A 195 32.58 9.35 7.70
N VAL A 196 31.99 9.08 8.84
CA VAL A 196 30.86 9.85 9.26
C VAL A 196 31.26 11.23 9.79
N ALA A 197 32.33 11.30 10.59
CA ALA A 197 32.77 12.56 11.20
C ALA A 197 32.97 13.64 10.14
N ASP A 198 33.68 13.33 9.06
CA ASP A 198 33.94 14.34 8.02
C ASP A 198 33.13 14.19 6.72
N GLY A 199 32.43 13.09 6.56
CA GLY A 199 31.63 12.88 5.37
C GLY A 199 32.44 12.58 4.12
N LYS A 200 33.70 12.18 4.27
CA LYS A 200 34.54 11.91 3.12
C LYS A 200 34.57 10.42 2.75
N PRO A 201 34.51 10.12 1.43
CA PRO A 201 34.60 8.72 0.98
C PRO A 201 35.86 7.99 1.46
N LEU A 202 35.76 6.72 1.83
CA LEU A 202 36.91 5.86 1.94
C LEU A 202 37.17 5.27 0.56
N ALA A 203 38.28 4.59 0.46
CA ALA A 203 38.76 4.12 -0.82
C ALA A 203 37.97 2.89 -1.23
N ASP A 204 37.54 2.11 -0.23
CA ASP A 204 36.99 0.74 -0.44
C ASP A 204 35.77 0.79 -1.31
N GLU A 205 35.74 -0.11 -2.30
CA GLU A 205 34.56 -0.31 -3.10
C GLU A 205 34.43 -1.78 -3.35
N LEU A 206 33.20 -2.27 -3.27
CA LEU A 206 32.91 -3.66 -3.48
C LEU A 206 32.10 -3.75 -4.76
N LYS A 207 32.58 -4.58 -5.69
CA LYS A 207 31.93 -4.81 -6.98
C LYS A 207 31.27 -6.19 -6.98
N TRP A 208 30.33 -6.34 -7.91
CA TRP A 208 29.57 -7.57 -8.18
C TRP A 208 28.63 -7.95 -7.08
N VAL A 209 28.20 -6.94 -6.33
CA VAL A 209 27.24 -7.13 -5.26
C VAL A 209 25.89 -7.14 -5.95
N LYS A 210 25.02 -8.03 -5.54
CA LYS A 210 23.70 -8.08 -6.12
C LYS A 210 22.76 -8.81 -5.23
N PHE A 211 21.54 -8.28 -5.11
CA PHE A 211 20.54 -8.92 -4.22
C PHE A 211 21.10 -9.21 -2.82
N SER A 212 21.69 -8.17 -2.22
CA SER A 212 22.44 -8.28 -0.96
C SER A 212 21.89 -7.41 0.16
N GLY A 213 22.12 -7.83 1.38
CA GLY A 213 22.12 -6.95 2.53
C GLY A 213 23.41 -6.20 2.70
N LEU A 214 23.46 -5.41 3.77
CA LEU A 214 24.67 -4.77 4.20
C LEU A 214 24.61 -5.06 5.68
N ALA A 215 25.59 -5.76 6.21
CA ALA A 215 25.56 -6.06 7.63
C ALA A 215 26.94 -5.93 8.22
N TRP A 216 27.08 -5.03 9.19
CA TRP A 216 28.39 -4.83 9.80
C TRP A 216 28.69 -5.94 10.80
N LEU A 217 29.94 -6.40 10.78
CA LEU A 217 30.48 -7.30 11.75
C LEU A 217 31.40 -6.42 12.59
N GLY A 218 30.86 -5.91 13.67
CA GLY A 218 31.53 -4.88 14.45
C GLY A 218 31.72 -3.57 13.70
N ASN A 219 32.87 -2.92 13.91
CA ASN A 219 33.10 -1.56 13.36
C ASN A 219 33.98 -1.47 12.14
N ASP A 220 34.53 -2.57 11.67
CA ASP A 220 35.52 -2.53 10.59
C ASP A 220 35.46 -3.70 9.65
N ALA A 221 34.28 -4.34 9.55
CA ALA A 221 34.09 -5.39 8.54
C ALA A 221 32.61 -5.46 8.21
N LEU A 222 32.33 -5.89 6.98
CA LEU A 222 30.98 -5.87 6.41
C LEU A 222 30.72 -7.18 5.69
N LEU A 223 29.61 -7.84 6.05
CA LEU A 223 29.11 -8.99 5.29
C LEU A 223 28.17 -8.56 4.17
N TYR A 224 28.33 -9.20 3.03
CA TYR A 224 27.56 -8.87 1.84
C TYR A 224 27.45 -10.11 0.96
N SER A 225 26.55 -10.06 0.00
CA SER A 225 26.39 -11.13 -0.96
C SER A 225 26.75 -10.66 -2.34
N ARG A 226 27.36 -11.56 -3.12
CA ARG A 226 27.83 -11.26 -4.44
C ARG A 226 27.75 -12.50 -5.36
N PHE A 227 28.00 -12.28 -6.63
CA PHE A 227 28.05 -13.31 -7.66
C PHE A 227 29.40 -13.25 -8.35
N ALA A 228 29.73 -14.29 -9.10
CA ALA A 228 30.99 -14.33 -9.86
C ALA A 228 31.05 -13.16 -10.84
N GLU A 229 32.25 -12.62 -11.03
CA GLU A 229 32.47 -11.62 -12.05
C GLU A 229 32.28 -12.39 -13.38
N PRO A 230 31.24 -12.03 -14.16
CA PRO A 230 30.87 -12.76 -15.39
C PRO A 230 31.84 -12.50 -16.55
N LEU A 239 23.56 -14.58 -14.98
CA LEU A 239 22.67 -15.62 -14.53
C LEU A 239 22.77 -15.54 -12.99
N ASN A 240 21.64 -15.45 -12.31
CA ASN A 240 21.65 -15.34 -10.85
C ASN A 240 21.91 -16.67 -10.18
N TYR A 241 22.99 -17.35 -10.56
CA TYR A 241 23.43 -18.57 -9.84
C TYR A 241 24.63 -18.40 -8.92
N ASN A 242 24.65 -19.23 -7.89
CA ASN A 242 25.79 -19.35 -6.99
C ASN A 242 26.12 -18.09 -6.22
N GLN A 243 25.08 -17.40 -5.77
CA GLN A 243 25.28 -16.28 -4.89
C GLN A 243 26.06 -16.73 -3.62
N THR A 244 27.01 -15.93 -3.21
CA THR A 244 27.86 -16.27 -2.04
C THR A 244 28.00 -15.10 -1.07
N VAL A 245 28.08 -15.42 0.23
CA VAL A 245 28.25 -14.44 1.30
C VAL A 245 29.76 -14.33 1.59
N TRP A 246 30.29 -13.10 1.58
CA TRP A 246 31.67 -12.75 1.87
C TRP A 246 31.78 -11.70 2.96
N LEU A 247 33.00 -11.58 3.52
CA LEU A 247 33.33 -10.61 4.56
C LEU A 247 34.39 -9.71 3.98
N HIS A 248 34.11 -8.41 3.98
CA HIS A 248 35.10 -7.43 3.61
C HIS A 248 35.69 -6.76 4.84
N ARG A 249 37.02 -6.73 4.93
CA ARG A 249 37.71 -5.97 5.99
C ARG A 249 38.14 -4.59 5.52
N LEU A 250 37.76 -3.58 6.28
CA LEU A 250 37.88 -2.22 5.78
C LEU A 250 39.36 -1.90 5.69
N GLY A 251 39.76 -1.18 4.65
CA GLY A 251 41.17 -0.86 4.38
C GLY A 251 41.95 -1.89 3.59
N THR A 252 41.26 -2.91 3.08
CA THR A 252 41.90 -3.88 2.23
C THR A 252 41.15 -3.91 0.90
N PRO A 253 41.78 -4.45 -0.13
CA PRO A 253 41.10 -4.63 -1.40
C PRO A 253 40.06 -5.74 -1.30
N GLN A 254 39.08 -5.66 -2.19
CA GLN A 254 38.05 -6.70 -2.24
C GLN A 254 38.66 -8.08 -2.50
N SER A 255 39.79 -8.11 -3.21
CA SER A 255 40.45 -9.40 -3.45
C SER A 255 40.95 -10.09 -2.16
N ALA A 256 41.03 -9.36 -1.05
CA ALA A 256 41.42 -9.96 0.22
C ALA A 256 40.22 -10.52 0.99
N ASP A 257 39.01 -10.35 0.46
CA ASP A 257 37.81 -10.75 1.20
C ASP A 257 37.80 -12.24 1.44
N GLN A 258 37.07 -12.62 2.48
CA GLN A 258 37.01 -13.98 2.98
C GLN A 258 35.58 -14.57 2.67
N PRO A 259 35.47 -15.71 2.03
CA PRO A 259 34.19 -16.37 1.79
C PRO A 259 33.57 -16.86 3.11
N VAL A 260 32.27 -16.65 3.28
CA VAL A 260 31.58 -17.04 4.51
C VAL A 260 30.59 -18.17 4.29
N PHE A 261 29.81 -18.08 3.20
CA PHE A 261 28.78 -19.08 2.94
C PHE A 261 28.40 -19.20 1.48
N ALA A 262 28.27 -20.45 1.05
CA ALA A 262 27.78 -20.82 -0.26
C ALA A 262 27.05 -22.15 -0.19
N THR A 263 26.19 -22.42 -1.18
CA THR A 263 25.58 -23.76 -1.37
C THR A 263 25.91 -24.28 -2.75
N PRO A 264 27.04 -24.95 -2.88
CA PRO A 264 27.54 -25.37 -4.20
C PRO A 264 26.77 -26.54 -4.90
N GLU A 265 25.80 -27.16 -4.24
CA GLU A 265 24.91 -28.11 -4.86
C GLU A 265 23.52 -27.51 -5.14
N LEU A 266 23.35 -26.25 -4.77
CA LEU A 266 22.07 -25.53 -4.91
C LEU A 266 22.29 -24.18 -5.59
N PRO A 267 22.47 -24.19 -6.90
CA PRO A 267 22.86 -22.98 -7.62
C PRO A 267 21.84 -21.86 -7.65
N LYS A 268 20.55 -22.18 -7.56
CA LYS A 268 19.50 -21.17 -7.61
C LYS A 268 19.17 -20.56 -6.25
N ARG A 269 19.78 -21.09 -5.19
CA ARG A 269 19.57 -20.59 -3.83
C ARG A 269 20.27 -19.23 -3.64
N GLY A 270 19.52 -18.24 -3.16
CA GLY A 270 20.01 -16.94 -2.78
C GLY A 270 20.28 -16.87 -1.26
N HIS A 271 21.18 -16.00 -0.83
CA HIS A 271 21.63 -15.99 0.57
C HIS A 271 21.85 -14.55 0.95
N GLY A 272 21.20 -14.16 2.04
CA GLY A 272 21.37 -12.82 2.62
C GLY A 272 21.87 -12.98 4.06
N ALA A 273 22.73 -12.08 4.49
CA ALA A 273 23.35 -12.20 5.82
C ALA A 273 22.98 -11.00 6.70
N SER A 274 22.70 -11.28 7.95
CA SER A 274 22.44 -10.30 8.98
C SER A 274 23.31 -10.64 10.18
N VAL A 275 23.44 -9.70 11.11
CA VAL A 275 24.20 -9.87 12.35
C VAL A 275 23.34 -9.33 13.43
N SER A 276 23.28 -10.06 14.53
CA SER A 276 22.55 -9.58 15.68
C SER A 276 23.16 -8.26 16.19
N SER A 277 22.30 -7.45 16.83
CA SER A 277 22.70 -6.10 17.21
C SER A 277 23.88 -6.02 18.19
N ASP A 278 24.09 -7.04 19.01
CA ASP A 278 25.23 -7.07 19.91
C ASP A 278 26.43 -7.79 19.30
N GLY A 279 26.29 -8.19 18.03
CA GLY A 279 27.40 -8.65 17.24
C GLY A 279 27.75 -10.11 17.44
N ARG A 280 26.90 -10.83 18.16
CA ARG A 280 27.20 -12.18 18.60
C ARG A 280 26.94 -13.32 17.61
N TRP A 281 26.00 -13.12 16.70
CA TRP A 281 25.57 -14.14 15.74
C TRP A 281 25.40 -13.58 14.33
N VAL A 282 25.96 -14.30 13.36
CA VAL A 282 25.62 -14.13 11.92
C VAL A 282 24.45 -15.05 11.62
N VAL A 283 23.46 -14.54 10.91
CA VAL A 283 22.29 -15.28 10.52
C VAL A 283 22.11 -15.13 9.03
N ILE A 284 22.10 -16.27 8.36
CA ILE A 284 21.97 -16.28 6.92
C ILE A 284 20.61 -16.88 6.56
N THR A 285 19.85 -16.09 5.81
CA THR A 285 18.54 -16.43 5.28
C THR A 285 18.68 -16.77 3.81
N SER A 286 18.08 -17.88 3.40
CA SER A 286 18.25 -18.35 2.05
C SER A 286 16.90 -18.80 1.46
N SER A 287 16.70 -18.44 0.21
CA SER A 287 15.48 -18.80 -0.51
C SER A 287 15.74 -19.03 -1.97
N GLU A 288 14.71 -19.52 -2.67
CA GLU A 288 14.80 -19.80 -4.06
C GLU A 288 13.44 -19.55 -4.66
N GLY A 289 13.35 -18.71 -5.67
CA GLY A 289 12.15 -18.67 -6.53
C GLY A 289 10.80 -18.19 -5.96
N THR A 290 10.75 -16.95 -5.44
CA THR A 290 9.48 -16.28 -4.95
C THR A 290 8.48 -17.02 -3.98
N ASP A 291 8.60 -18.31 -3.73
CA ASP A 291 7.80 -18.90 -2.63
C ASP A 291 8.32 -18.27 -1.32
N PRO A 292 7.41 -17.83 -0.45
CA PRO A 292 7.79 -17.13 0.78
C PRO A 292 8.20 -18.09 1.91
N VAL A 293 9.23 -18.90 1.65
CA VAL A 293 9.80 -19.84 2.59
C VAL A 293 11.33 -19.75 2.53
N ASN A 294 12.00 -20.14 3.61
CA ASN A 294 13.44 -19.97 3.68
C ASN A 294 14.11 -20.87 4.66
N THR A 295 15.41 -21.11 4.43
CA THR A 295 16.27 -21.78 5.35
C THR A 295 16.97 -20.77 6.20
N VAL A 296 17.61 -21.26 7.27
CA VAL A 296 18.35 -20.40 8.18
C VAL A 296 19.61 -21.12 8.57
N HIS A 297 20.77 -20.47 8.37
CA HIS A 297 22.03 -20.92 8.91
C HIS A 297 22.58 -19.86 9.89
N VAL A 298 23.33 -20.31 10.91
CA VAL A 298 23.86 -19.38 11.92
C VAL A 298 25.35 -19.65 12.13
N ALA A 299 26.06 -18.63 12.59
CA ALA A 299 27.46 -18.77 12.94
C ALA A 299 27.73 -17.89 14.11
N ARG A 300 28.35 -18.48 15.10
CA ARG A 300 28.80 -17.75 16.28
C ARG A 300 30.01 -16.83 16.00
N VAL A 301 29.92 -15.58 16.48
CA VAL A 301 31.03 -14.63 16.39
C VAL A 301 31.68 -14.53 17.77
N THR A 302 32.97 -14.80 17.82
CA THR A 302 33.76 -14.76 19.06
C THR A 302 34.99 -13.96 18.73
N ASN A 303 35.18 -12.84 19.39
CA ASN A 303 36.39 -12.00 19.25
C ASN A 303 36.63 -11.51 17.81
N GLY A 304 35.56 -11.14 17.13
CA GLY A 304 35.64 -10.63 15.78
C GLY A 304 35.74 -11.68 14.70
N LYS A 305 35.76 -12.95 15.07
CA LYS A 305 35.97 -14.06 14.15
C LYS A 305 34.69 -14.89 14.02
N ILE A 306 34.31 -15.18 12.79
CA ILE A 306 33.09 -15.95 12.51
C ILE A 306 33.38 -17.44 12.61
N GLY A 307 32.62 -18.13 13.43
CA GLY A 307 32.81 -19.56 13.59
C GLY A 307 32.19 -20.36 12.45
N PRO A 308 32.16 -21.68 12.62
CA PRO A 308 31.57 -22.56 11.60
C PRO A 308 30.09 -22.21 11.37
N VAL A 309 29.65 -22.23 10.12
CA VAL A 309 28.26 -21.96 9.74
C VAL A 309 27.47 -23.25 9.85
N THR A 310 26.41 -23.28 10.67
CA THR A 310 25.59 -24.49 10.83
C THR A 310 24.16 -24.23 10.49
N ALA A 311 23.47 -25.26 10.07
CA ALA A 311 22.10 -25.15 9.63
C ALA A 311 21.21 -25.14 10.85
N LEU A 312 20.33 -24.15 10.96
CA LEU A 312 19.35 -24.16 12.05
C LEU A 312 18.01 -24.66 11.53
N ILE A 313 17.57 -24.15 10.38
CA ILE A 313 16.37 -24.60 9.68
C ILE A 313 16.87 -25.05 8.31
N PRO A 314 17.15 -26.34 8.14
CA PRO A 314 17.85 -26.80 6.93
C PRO A 314 17.00 -26.94 5.66
N ASP A 315 15.69 -27.05 5.78
CA ASP A 315 14.84 -27.32 4.62
C ASP A 315 13.96 -26.12 4.30
N LEU A 316 13.52 -26.04 3.05
CA LEU A 316 12.62 -24.99 2.61
C LEU A 316 11.21 -25.44 2.79
N LYS A 317 10.60 -25.07 3.90
CA LYS A 317 9.28 -25.53 4.31
C LYS A 317 8.38 -24.38 4.78
N ALA A 318 8.99 -23.39 5.43
CA ALA A 318 8.26 -22.28 6.03
C ALA A 318 9.05 -20.97 6.03
N GLN A 319 8.34 -19.84 6.20
CA GLN A 319 8.91 -18.55 6.51
C GLN A 319 9.55 -18.52 7.92
N TRP A 320 10.78 -18.07 7.99
CA TRP A 320 11.54 -17.82 9.23
C TRP A 320 12.29 -16.51 9.05
N ASP A 321 11.67 -15.41 9.46
CA ASP A 321 12.23 -14.06 9.25
C ASP A 321 12.97 -13.66 10.55
N PHE A 322 14.25 -13.38 10.44
CA PHE A 322 15.08 -13.06 11.61
C PHE A 322 14.73 -11.67 12.12
N VAL A 323 14.47 -11.57 13.42
CA VAL A 323 14.16 -10.28 14.05
C VAL A 323 15.45 -9.67 14.58
N ASP A 324 15.99 -10.24 15.65
CA ASP A 324 17.26 -9.85 16.22
C ASP A 324 17.68 -10.92 17.21
N GLY A 325 18.88 -10.76 17.76
CA GLY A 325 19.39 -11.61 18.82
C GLY A 325 19.83 -10.78 20.01
N VAL A 326 19.74 -11.37 21.19
CA VAL A 326 20.33 -10.80 22.40
C VAL A 326 21.05 -11.95 23.04
N GLY A 327 22.37 -11.82 23.18
CA GLY A 327 23.13 -12.89 23.82
C GLY A 327 23.11 -14.11 22.90
N ASP A 328 22.77 -15.28 23.42
CA ASP A 328 22.73 -16.48 22.59
C ASP A 328 21.30 -16.90 22.29
N GLN A 329 20.40 -15.92 22.32
CA GLN A 329 19.01 -16.12 21.92
C GLN A 329 18.70 -15.27 20.70
N LEU A 330 18.01 -15.88 19.74
CA LEU A 330 17.57 -15.23 18.52
C LEU A 330 16.04 -15.31 18.42
N TRP A 331 15.40 -14.30 17.84
CA TRP A 331 13.96 -14.34 17.65
C TRP A 331 13.66 -14.28 16.15
N PHE A 332 12.65 -15.03 15.73
CA PHE A 332 12.20 -15.10 14.36
C PHE A 332 10.68 -14.99 14.28
N VAL A 333 10.18 -14.44 13.19
CA VAL A 333 8.75 -14.55 12.86
C VAL A 333 8.65 -15.82 12.02
N SER A 334 7.90 -16.80 12.50
CA SER A 334 7.79 -18.08 11.85
C SER A 334 6.39 -18.36 11.32
N GLY A 335 6.37 -18.95 10.12
CA GLY A 335 5.17 -19.46 9.47
C GLY A 335 4.97 -20.97 9.64
N ASP A 336 5.84 -21.63 10.41
CA ASP A 336 5.86 -23.09 10.50
C ASP A 336 4.66 -23.58 11.29
N GLY A 337 3.72 -24.21 10.58
CA GLY A 337 2.45 -24.64 11.17
C GLY A 337 1.54 -23.47 11.54
N ALA A 338 1.77 -22.31 10.96
CA ALA A 338 1.11 -21.05 11.38
C ALA A 338 0.93 -20.12 10.20
N PRO A 339 -0.16 -20.29 9.48
CA PRO A 339 -0.40 -19.39 8.35
C PRO A 339 -0.41 -17.89 8.70
N LEU A 340 -0.87 -17.54 9.89
CA LEU A 340 -0.91 -16.14 10.37
C LEU A 340 0.33 -15.73 11.18
N LYS A 341 1.26 -16.65 11.30
CA LYS A 341 2.62 -16.48 11.84
C LYS A 341 2.64 -16.43 13.36
N LYS A 342 3.81 -16.68 13.92
CA LYS A 342 4.09 -16.74 15.35
C LYS A 342 5.52 -16.28 15.60
N ILE A 343 5.85 -16.01 16.84
CA ILE A 343 7.19 -15.63 17.23
C ILE A 343 7.89 -16.77 17.97
N VAL A 344 9.02 -17.17 17.44
CA VAL A 344 9.84 -18.25 17.97
C VAL A 344 11.19 -17.71 18.46
N ARG A 345 11.53 -18.11 19.67
CA ARG A 345 12.84 -17.84 20.27
C ARG A 345 13.71 -19.04 20.15
N VAL A 346 14.87 -18.90 19.55
CA VAL A 346 15.82 -20.01 19.48
C VAL A 346 16.99 -19.73 20.42
N ASP A 347 17.23 -20.61 21.37
CA ASP A 347 18.34 -20.51 22.33
C ASP A 347 19.48 -21.40 21.85
N LEU A 348 20.63 -20.78 21.62
CA LEU A 348 21.79 -21.49 21.14
C LEU A 348 22.89 -21.64 22.18
N SER A 349 22.58 -21.43 23.46
CA SER A 349 23.60 -21.57 24.49
C SER A 349 23.93 -23.02 24.81
N GLY A 350 23.01 -23.94 24.50
CA GLY A 350 23.18 -25.36 24.79
C GLY A 350 23.91 -26.06 23.68
N SER A 351 24.14 -27.35 23.81
CA SER A 351 24.77 -28.13 22.74
C SER A 351 23.89 -28.26 21.50
N THR A 352 22.55 -28.28 21.66
CA THR A 352 21.58 -28.34 20.56
C THR A 352 20.65 -27.08 20.64
N PRO A 353 20.31 -26.46 19.51
CA PRO A 353 19.35 -25.36 19.53
C PRO A 353 18.03 -25.76 20.19
N ARG A 354 17.46 -24.87 21.01
CA ARG A 354 16.16 -25.07 21.64
C ARG A 354 15.18 -24.06 21.06
N PHE A 355 14.01 -24.54 20.59
CA PHE A 355 13.00 -23.67 19.97
C PHE A 355 11.87 -23.51 20.96
N ASP A 356 11.45 -22.27 21.19
CA ASP A 356 10.32 -21.98 22.08
C ASP A 356 9.41 -20.98 21.36
N THR A 357 8.12 -21.30 21.20
CA THR A 357 7.19 -20.35 20.63
C THR A 357 6.80 -19.41 21.75
N VAL A 358 7.27 -18.16 21.72
CA VAL A 358 7.02 -17.27 22.85
C VAL A 358 5.74 -16.45 22.66
N VAL A 359 5.34 -16.29 21.41
CA VAL A 359 4.04 -15.67 21.09
C VAL A 359 3.41 -16.58 20.05
N PRO A 360 2.34 -17.28 20.43
CA PRO A 360 1.74 -18.24 19.53
C PRO A 360 0.92 -17.52 18.47
N GLU A 361 0.61 -18.27 17.41
CA GLU A 361 -0.25 -17.79 16.37
C GLU A 361 -1.52 -17.23 16.98
N SER A 362 -1.91 -16.04 16.55
CA SER A 362 -3.22 -15.52 16.97
C SER A 362 -4.28 -15.59 15.86
N LYS A 363 -5.43 -15.00 16.13
CA LYS A 363 -6.49 -14.83 15.14
C LYS A 363 -6.16 -13.79 14.07
N ASP A 364 -5.18 -12.94 14.37
CA ASP A 364 -4.80 -11.81 13.48
C ASP A 364 -3.51 -12.13 12.77
N ASN A 365 -3.39 -11.64 11.53
CA ASN A 365 -2.21 -11.79 10.74
C ASN A 365 -1.06 -10.97 11.34
N LEU A 366 0.06 -11.64 11.60
CA LEU A 366 1.27 -10.96 12.07
C LEU A 366 2.13 -10.54 10.89
N GLU A 367 2.25 -9.23 10.73
CA GLU A 367 2.92 -8.62 9.62
C GLU A 367 4.45 -8.48 9.82
N SER A 368 4.88 -8.07 11.01
CA SER A 368 6.31 -7.76 11.24
C SER A 368 6.53 -7.65 12.75
N VAL A 369 7.78 -7.84 13.15
CA VAL A 369 8.16 -7.80 14.56
C VAL A 369 9.49 -7.12 14.62
N GLY A 370 9.70 -6.28 15.63
CA GLY A 370 11.00 -5.74 15.91
C GLY A 370 11.28 -5.80 17.38
N ILE A 371 12.55 -5.70 17.75
CA ILE A 371 12.92 -5.67 19.14
C ILE A 371 13.52 -4.30 19.49
N ALA A 372 13.06 -3.74 20.60
CA ALA A 372 13.59 -2.47 21.10
C ALA A 372 13.46 -2.40 22.61
N GLY A 373 14.48 -1.82 23.26
CA GLY A 373 14.45 -1.72 24.71
C GLY A 373 14.60 -3.15 25.20
N ASN A 374 13.65 -3.65 25.96
CA ASN A 374 13.70 -5.05 26.41
C ASN A 374 12.49 -5.83 25.95
N ARG A 375 11.94 -5.43 24.80
CA ARG A 375 10.63 -5.91 24.37
C ARG A 375 10.53 -6.24 22.90
N LEU A 376 9.60 -7.14 22.61
CA LEU A 376 9.14 -7.41 21.26
C LEU A 376 7.97 -6.52 20.95
N PHE A 377 7.97 -5.95 19.76
CA PHE A 377 6.82 -5.18 19.24
C PHE A 377 6.31 -5.86 17.98
N ALA A 378 5.06 -6.31 18.03
CA ALA A 378 4.47 -7.19 17.00
C ALA A 378 3.33 -6.44 16.33
N SER A 379 3.48 -6.17 15.02
CA SER A 379 2.47 -5.48 14.25
C SER A 379 1.49 -6.45 13.57
N TYR A 380 0.25 -6.41 14.04
CA TYR A 380 -0.79 -7.26 13.60
C TYR A 380 -1.78 -6.50 12.76
N ILE A 381 -2.52 -7.23 11.94
CA ILE A 381 -3.71 -6.69 11.28
C ILE A 381 -4.90 -7.20 12.10
N HIS A 382 -5.49 -6.26 12.85
CA HIS A 382 -6.62 -6.45 13.73
C HIS A 382 -7.85 -5.66 13.21
N ASP A 383 -8.84 -6.40 12.74
CA ASP A 383 -10.02 -5.79 12.08
C ASP A 383 -9.64 -4.70 11.07
N ALA A 384 -8.80 -5.08 10.12
CA ALA A 384 -8.45 -4.26 8.96
C ALA A 384 -7.65 -2.99 9.22
N LYS A 385 -6.93 -2.94 10.34
CA LYS A 385 -6.09 -1.82 10.71
C LYS A 385 -4.99 -2.41 11.61
N SER A 386 -4.00 -1.61 11.96
CA SER A 386 -2.88 -2.08 12.73
C SER A 386 -3.20 -2.10 14.23
N GLN A 387 -2.75 -3.16 14.92
CA GLN A 387 -2.60 -3.20 16.35
C GLN A 387 -1.17 -3.65 16.63
N VAL A 388 -0.39 -2.86 17.37
CA VAL A 388 0.98 -3.20 17.70
C VAL A 388 1.03 -3.64 19.15
N LEU A 389 1.28 -4.93 19.38
CA LEU A 389 1.36 -5.48 20.70
C LEU A 389 2.79 -5.59 21.21
N ALA A 390 2.95 -5.34 22.50
CA ALA A 390 4.26 -5.43 23.16
C ALA A 390 4.34 -6.67 23.99
N PHE A 391 5.53 -7.26 24.01
CA PHE A 391 5.78 -8.48 24.83
C PHE A 391 7.18 -8.38 25.42
N ASP A 392 7.39 -8.94 26.60
CA ASP A 392 8.74 -9.25 27.07
C ASP A 392 9.37 -10.24 26.08
N LEU A 393 10.69 -10.35 26.11
CA LEU A 393 11.41 -11.22 25.21
C LEU A 393 11.03 -12.68 25.37
N ASP A 394 10.51 -13.04 26.54
CA ASP A 394 10.09 -14.42 26.79
C ASP A 394 8.62 -14.66 26.42
N GLY A 395 7.95 -13.63 25.91
CA GLY A 395 6.57 -13.75 25.46
C GLY A 395 5.52 -13.16 26.38
N LYS A 396 5.91 -12.71 27.57
CA LYS A 396 4.90 -12.23 28.49
C LYS A 396 4.24 -10.94 27.93
N PRO A 397 2.92 -10.92 27.77
CA PRO A 397 2.22 -9.74 27.28
C PRO A 397 2.55 -8.48 28.07
N ALA A 398 2.69 -7.38 27.35
CA ALA A 398 2.93 -6.11 27.98
C ALA A 398 2.02 -5.06 27.36
N GLY A 399 0.84 -5.45 26.88
CA GLY A 399 -0.18 -4.54 26.40
C GLY A 399 0.00 -4.09 24.94
N ALA A 400 -0.85 -3.17 24.51
CA ALA A 400 -0.79 -2.63 23.14
C ALA A 400 -0.06 -1.29 23.16
N VAL A 401 0.62 -0.99 22.05
CA VAL A 401 1.19 0.33 21.84
C VAL A 401 0.06 1.32 21.59
N SER A 402 0.08 2.46 22.31
CA SER A 402 -0.83 3.56 22.05
C SER A 402 -0.43 4.26 20.73
N LEU A 403 -1.37 4.36 19.79
CA LEU A 403 -1.17 5.04 18.51
C LEU A 403 -2.03 6.31 18.46
N PRO A 404 -1.72 7.28 17.60
CA PRO A 404 -2.46 8.56 17.56
C PRO A 404 -3.94 8.37 17.20
N GLY A 405 -4.27 7.31 16.48
CA GLY A 405 -5.63 7.01 16.10
C GLY A 405 -5.62 5.71 15.27
N ILE A 406 -6.73 5.42 14.62
CA ILE A 406 -6.81 4.26 13.70
C ILE A 406 -5.88 4.48 12.52
N GLY A 407 -5.07 3.47 12.18
CA GLY A 407 -4.17 3.59 11.06
C GLY A 407 -3.35 2.34 10.80
N SER A 408 -2.27 2.52 10.04
CA SER A 408 -1.41 1.43 9.67
C SER A 408 0.02 1.68 10.20
N ALA A 409 0.60 0.67 10.82
CA ALA A 409 1.98 0.80 11.30
C ALA A 409 2.90 0.06 10.31
N SER A 410 3.95 0.72 9.85
CA SER A 410 4.95 0.03 9.07
C SER A 410 6.07 -0.33 10.01
N GLY A 411 7.23 0.13 9.75
CA GLY A 411 8.37 -0.39 10.42
C GLY A 411 8.57 0.13 11.85
N LEU A 412 9.52 -0.50 12.47
CA LEU A 412 10.01 -0.13 13.78
C LEU A 412 11.53 0.02 13.64
N SER A 413 12.10 1.00 14.33
CA SER A 413 13.52 1.07 14.47
C SER A 413 13.83 1.24 15.96
N GLY A 414 14.98 0.69 16.31
CA GLY A 414 15.42 0.69 17.69
C GLY A 414 16.30 -0.55 17.87
N ARG A 415 16.90 -0.63 19.03
CA ARG A 415 17.87 -1.68 19.33
C ARG A 415 17.56 -2.19 20.75
N PRO A 416 17.90 -3.44 21.01
CA PRO A 416 17.85 -3.96 22.36
C PRO A 416 18.76 -3.11 23.26
N GLY A 417 18.31 -2.80 24.45
CA GLY A 417 19.12 -2.00 25.36
C GLY A 417 19.05 -0.49 25.11
N ASP A 418 18.44 -0.04 24.02
CA ASP A 418 18.29 1.38 23.70
C ASP A 418 16.88 1.83 24.13
N ARG A 419 16.78 2.95 24.83
CA ARG A 419 15.49 3.48 25.28
C ARG A 419 14.72 4.29 24.24
N HIS A 420 15.35 4.61 23.11
CA HIS A 420 14.73 5.39 22.04
C HIS A 420 14.37 4.40 20.94
N ALA A 421 13.08 4.31 20.67
CA ALA A 421 12.60 3.56 19.51
C ALA A 421 11.68 4.43 18.65
N TYR A 422 11.32 3.96 17.48
CA TYR A 422 10.58 4.73 16.48
C TYR A 422 9.64 3.78 15.73
N LEU A 423 8.48 4.27 15.34
CA LEU A 423 7.45 3.51 14.65
C LEU A 423 6.91 4.38 13.52
N SER A 424 6.77 3.81 12.32
CA SER A 424 6.20 4.50 11.19
C SER A 424 4.67 4.29 11.16
N PHE A 425 3.91 5.38 11.05
CA PHE A 425 2.44 5.35 11.16
C PHE A 425 1.84 6.16 10.01
N SER A 426 0.75 5.65 9.43
CA SER A 426 0.02 6.44 8.44
C SER A 426 -1.47 6.15 8.53
N SER A 427 -2.29 7.03 8.00
CA SER A 427 -3.70 6.79 7.95
C SER A 427 -4.36 7.72 6.95
N PHE A 428 -5.69 7.69 6.83
CA PHE A 428 -6.37 8.48 5.81
C PHE A 428 -6.12 9.98 5.99
N THR A 429 -5.81 10.43 7.21
CA THR A 429 -5.51 11.84 7.44
C THR A 429 -4.14 12.05 8.00
N GLN A 430 -3.28 11.08 7.81
CA GLN A 430 -1.89 11.16 8.31
C GLN A 430 -0.94 10.57 7.29
N PRO A 431 -0.30 11.42 6.49
CA PRO A 431 0.80 10.93 5.68
C PRO A 431 1.86 10.26 6.54
N ALA A 432 2.55 9.25 6.00
CA ALA A 432 3.44 8.41 6.77
C ALA A 432 4.36 9.31 7.57
N THR A 433 4.46 9.00 8.84
CA THR A 433 5.23 9.79 9.76
C THR A 433 5.96 8.93 10.75
N VAL A 434 7.11 9.38 11.17
CA VAL A 434 7.83 8.71 12.25
C VAL A 434 7.36 9.20 13.61
N LEU A 435 6.89 8.29 14.45
CA LEU A 435 6.60 8.53 15.86
C LEU A 435 7.73 8.04 16.75
N ALA A 436 7.94 8.71 17.88
CA ALA A 436 8.90 8.23 18.86
C ALA A 436 8.12 7.23 19.72
N LEU A 437 8.75 6.10 20.00
CA LEU A 437 8.17 5.04 20.82
C LEU A 437 9.05 4.86 22.04
N ASP A 438 8.47 4.92 23.23
CA ASP A 438 9.18 4.58 24.45
C ASP A 438 8.86 3.12 24.72
N PRO A 439 9.80 2.25 24.52
CA PRO A 439 9.50 0.82 24.58
C PRO A 439 9.16 0.37 25.99
N ALA A 440 9.62 1.05 27.04
CA ALA A 440 9.30 0.66 28.43
C ALA A 440 7.85 0.94 28.78
N THR A 441 7.22 1.94 28.16
CA THR A 441 5.81 2.23 28.43
C THR A 441 4.86 1.89 27.26
N ALA A 442 5.43 1.60 26.09
CA ALA A 442 4.70 1.27 24.88
C ALA A 442 3.83 2.46 24.46
N LYS A 443 4.37 3.66 24.58
CA LYS A 443 3.68 4.88 24.20
C LYS A 443 4.40 5.62 23.08
N THR A 444 3.63 6.08 22.11
CA THR A 444 4.15 6.89 21.04
C THR A 444 3.90 8.34 21.33
N THR A 445 4.79 9.17 20.80
CA THR A 445 4.73 10.60 20.87
C THR A 445 5.30 11.12 19.57
N PRO A 446 5.05 12.37 19.27
CA PRO A 446 5.68 12.96 18.06
C PRO A 446 7.18 12.99 18.08
N TRP A 447 7.80 12.80 16.90
CA TRP A 447 9.22 12.97 16.74
C TRP A 447 9.44 14.27 15.95
N GLU A 448 10.12 14.23 14.83
CA GLU A 448 10.34 15.43 14.06
C GLU A 448 9.04 16.03 13.60
N PRO A 449 8.87 17.32 13.82
CA PRO A 449 7.72 18.01 13.18
C PRO A 449 7.77 17.92 11.65
N VAL A 450 6.61 17.80 11.03
CA VAL A 450 6.46 17.75 9.58
C VAL A 450 5.51 18.86 9.17
N HIS A 451 5.92 19.70 8.22
CA HIS A 451 5.08 20.80 7.81
C HIS A 451 4.08 20.36 6.70
N LEU A 452 2.80 20.30 7.05
CA LEU A 452 1.73 19.94 6.11
C LEU A 452 0.80 21.14 5.98
N THR A 453 -0.08 21.12 5.00
CA THR A 453 -1.06 22.20 4.87
C THR A 453 -2.32 22.01 5.73
N PHE A 454 -2.35 20.94 6.51
CA PHE A 454 -3.46 20.69 7.43
C PHE A 454 -2.90 20.10 8.69
N ASP A 455 -3.72 20.01 9.73
CA ASP A 455 -3.35 19.35 10.98
C ASP A 455 -4.06 18.03 11.09
N PRO A 456 -3.36 16.91 11.08
CA PRO A 456 -4.01 15.60 11.25
C PRO A 456 -4.97 15.47 12.45
N ALA A 457 -4.72 16.13 13.56
CA ALA A 457 -5.65 16.17 14.71
C ALA A 457 -6.98 16.92 14.46
N ASP A 458 -7.13 17.61 13.34
CA ASP A 458 -8.39 18.23 12.99
C ASP A 458 -9.35 17.28 12.30
N PHE A 459 -9.00 15.99 12.24
CA PHE A 459 -9.81 15.02 11.54
C PHE A 459 -9.89 13.78 12.42
N ARG A 460 -10.91 12.95 12.17
CA ARG A 460 -11.12 11.73 12.91
C ARG A 460 -11.36 10.57 11.97
N VAL A 461 -10.63 9.46 12.15
CA VAL A 461 -10.92 8.19 11.46
C VAL A 461 -11.71 7.35 12.44
N GLU A 462 -12.89 6.89 12.05
CA GLU A 462 -13.70 6.03 12.91
C GLU A 462 -13.87 4.69 12.19
N GLN A 463 -14.17 3.61 12.92
CA GLN A 463 -14.46 2.34 12.30
C GLN A 463 -15.74 1.77 12.88
N VAL A 464 -16.60 1.25 12.01
CA VAL A 464 -17.83 0.62 12.41
C VAL A 464 -17.87 -0.76 11.81
N PHE A 465 -18.79 -1.57 12.29
CA PHE A 465 -19.00 -2.89 11.72
C PHE A 465 -20.49 -3.02 11.46
N TYR A 466 -20.89 -3.26 10.22
CA TYR A 466 -22.31 -3.26 9.86
C TYR A 466 -22.70 -4.61 9.25
N PRO A 467 -23.93 -5.08 9.51
CA PRO A 467 -24.40 -6.34 8.90
C PRO A 467 -24.76 -6.20 7.41
N SER A 468 -24.26 -7.15 6.62
CA SER A 468 -24.64 -7.28 5.25
C SER A 468 -25.97 -8.08 5.23
N LYS A 469 -26.46 -8.33 4.03
CA LYS A 469 -27.73 -9.02 3.81
C LYS A 469 -27.83 -10.33 4.56
N ASP A 470 -26.76 -11.12 4.46
CA ASP A 470 -26.71 -12.42 5.11
C ASP A 470 -26.30 -12.37 6.59
N GLY A 471 -26.16 -11.18 7.18
CA GLY A 471 -25.82 -11.03 8.58
C GLY A 471 -24.32 -10.84 8.88
N THR A 472 -23.47 -11.05 7.89
CA THR A 472 -22.03 -10.94 8.06
C THR A 472 -21.67 -9.51 8.45
N LYS A 473 -20.86 -9.35 9.48
CA LYS A 473 -20.38 -8.04 9.91
C LYS A 473 -19.19 -7.62 9.06
N VAL A 474 -19.31 -6.48 8.40
CA VAL A 474 -18.28 -6.00 7.54
C VAL A 474 -17.76 -4.72 8.20
N PRO A 475 -16.45 -4.56 8.22
CA PRO A 475 -15.86 -3.30 8.70
C PRO A 475 -15.97 -2.15 7.68
N MET A 476 -16.18 -0.97 8.20
CA MET A 476 -16.12 0.26 7.40
C MET A 476 -15.45 1.38 8.19
N PHE A 477 -14.58 2.13 7.50
CA PHE A 477 -13.92 3.33 8.02
C PHE A 477 -14.73 4.52 7.58
N ILE A 478 -14.89 5.49 8.46
CA ILE A 478 -15.56 6.75 8.15
C ILE A 478 -14.64 7.86 8.62
N VAL A 479 -14.33 8.80 7.74
CA VAL A 479 -13.29 9.77 8.01
C VAL A 479 -13.87 11.12 7.74
N ARG A 480 -13.81 11.99 8.73
CA ARG A 480 -14.43 13.31 8.62
C ARG A 480 -13.61 14.34 9.35
N ARG A 481 -13.57 15.53 8.79
CA ARG A 481 -13.07 16.67 9.52
C ARG A 481 -13.96 16.97 10.77
N LYS A 482 -13.35 17.59 11.79
CA LYS A 482 -13.99 17.77 13.08
C LYS A 482 -15.07 18.90 13.11
N ASP A 483 -15.26 19.60 12.00
CA ASP A 483 -16.47 20.41 11.83
C ASP A 483 -17.72 19.58 11.45
N ALA A 484 -17.56 18.32 11.10
CA ALA A 484 -18.74 17.48 10.78
C ALA A 484 -19.59 17.22 12.06
N LYS A 485 -20.81 17.73 12.05
CA LYS A 485 -21.73 17.62 13.18
C LYS A 485 -23.09 17.23 12.66
N GLY A 486 -23.09 16.50 11.55
CA GLY A 486 -24.29 15.98 10.96
C GLY A 486 -24.01 15.28 9.65
N PRO A 487 -25.07 14.88 8.97
CA PRO A 487 -24.97 14.24 7.65
C PRO A 487 -24.21 15.09 6.63
N LEU A 488 -23.34 14.47 5.85
CA LEU A 488 -22.54 15.20 4.87
C LEU A 488 -22.55 14.50 3.53
N PRO A 489 -22.40 15.23 2.41
CA PRO A 489 -22.05 14.55 1.15
C PRO A 489 -20.89 13.59 1.39
N THR A 490 -21.00 12.37 0.85
CA THR A 490 -20.13 11.28 1.23
C THR A 490 -19.62 10.60 -0.02
N LEU A 491 -18.33 10.30 -0.01
CA LEU A 491 -17.66 9.52 -1.02
C LEU A 491 -17.35 8.16 -0.39
N LEU A 492 -17.97 7.11 -0.93
CA LEU A 492 -17.80 5.72 -0.45
C LEU A 492 -17.01 4.93 -1.48
N TYR A 493 -15.89 4.39 -1.04
CA TYR A 493 -14.94 3.65 -1.86
C TYR A 493 -14.91 2.17 -1.49
N GLY A 494 -14.72 1.34 -2.50
CA GLY A 494 -14.52 -0.08 -2.26
C GLY A 494 -13.74 -0.70 -3.40
N TYR A 495 -13.28 -1.92 -3.18
CA TYR A 495 -12.64 -2.75 -4.24
C TYR A 495 -13.31 -4.11 -4.29
N GLY A 496 -13.01 -4.97 -3.31
CA GLY A 496 -13.77 -6.18 -3.07
C GLY A 496 -13.37 -7.31 -4.01
N GLY A 497 -12.15 -7.79 -3.85
CA GLY A 497 -11.64 -8.84 -4.72
C GLY A 497 -10.18 -9.10 -4.62
N PHE A 498 -9.77 -10.27 -5.12
CA PHE A 498 -8.35 -10.57 -5.35
C PHE A 498 -7.47 -10.53 -4.10
N ASN A 499 -8.08 -10.80 -2.95
CA ASN A 499 -7.36 -10.84 -1.70
C ASN A 499 -6.72 -9.51 -1.26
N VAL A 500 -7.16 -8.42 -1.87
CA VAL A 500 -6.67 -7.09 -1.56
C VAL A 500 -7.25 -6.63 -0.22
N ALA A 501 -6.35 -6.30 0.70
CA ALA A 501 -6.77 -5.81 2.03
C ALA A 501 -6.69 -4.31 2.06
N LEU A 502 -7.80 -3.62 2.28
CA LEU A 502 -7.77 -2.18 2.24
C LEU A 502 -7.58 -1.60 3.65
N THR A 503 -6.37 -1.73 4.14
CA THR A 503 -5.99 -1.16 5.42
C THR A 503 -5.71 0.33 5.24
N PRO A 504 -5.73 1.13 6.31
CA PRO A 504 -5.59 2.58 6.12
C PRO A 504 -4.29 3.00 5.42
N TRP A 505 -4.38 4.03 4.60
CA TRP A 505 -3.25 4.66 3.97
C TRP A 505 -3.60 6.12 3.69
N PHE A 506 -2.61 6.92 3.36
CA PHE A 506 -2.86 8.32 3.06
C PHE A 506 -3.00 8.51 1.57
N SER A 507 -4.16 9.00 1.15
CA SER A 507 -4.45 9.35 -0.23
C SER A 507 -4.68 10.85 -0.29
N ALA A 508 -3.87 11.53 -1.09
CA ALA A 508 -4.06 12.96 -1.31
C ALA A 508 -5.42 13.26 -1.96
N GLY A 509 -5.87 12.42 -2.88
CA GLY A 509 -7.20 12.56 -3.45
C GLY A 509 -8.32 12.46 -2.43
N PHE A 510 -8.28 11.47 -1.57
CA PHE A 510 -9.34 11.33 -0.56
C PHE A 510 -9.28 12.47 0.43
N MET A 511 -8.08 12.91 0.75
CA MET A 511 -7.90 14.03 1.69
C MET A 511 -8.48 15.34 1.16
N THR A 512 -8.41 15.52 -0.15
CA THR A 512 -8.99 16.69 -0.80
C THR A 512 -10.49 16.75 -0.50
N TRP A 513 -11.18 15.61 -0.67
CA TRP A 513 -12.60 15.54 -0.38
C TRP A 513 -12.88 15.83 1.08
N ILE A 514 -12.17 15.16 1.98
CA ILE A 514 -12.40 15.32 3.43
C ILE A 514 -12.11 16.76 3.89
N ASP A 515 -11.03 17.33 3.39
CA ASP A 515 -10.68 18.70 3.74
C ASP A 515 -11.36 19.76 2.87
N SER A 516 -12.38 19.32 2.13
CA SER A 516 -13.33 20.22 1.48
C SER A 516 -14.73 20.17 2.15
N GLY A 517 -14.86 19.45 3.27
CA GLY A 517 -16.11 19.30 4.01
C GLY A 517 -16.98 18.09 3.66
N GLY A 518 -16.42 17.12 2.93
CA GLY A 518 -17.13 15.89 2.61
C GLY A 518 -16.75 14.79 3.59
N ALA A 519 -17.58 13.77 3.71
CA ALA A 519 -17.26 12.57 4.46
C ALA A 519 -16.71 11.54 3.52
N PHE A 520 -15.74 10.77 4.01
CA PHE A 520 -15.17 9.66 3.29
C PHE A 520 -15.45 8.36 4.04
N ALA A 521 -15.85 7.35 3.29
CA ALA A 521 -16.12 6.01 3.82
C ALA A 521 -15.49 4.98 2.93
N LEU A 522 -14.94 3.95 3.53
CA LEU A 522 -14.32 2.86 2.80
C LEU A 522 -14.75 1.58 3.47
N ALA A 523 -15.38 0.70 2.70
CA ALA A 523 -15.88 -0.60 3.22
C ALA A 523 -14.93 -1.73 2.86
N ASN A 524 -14.61 -2.57 3.82
CA ASN A 524 -13.68 -3.68 3.68
C ASN A 524 -14.49 -4.92 3.28
N LEU A 525 -15.01 -4.85 2.05
CA LEU A 525 -15.90 -5.84 1.49
C LEU A 525 -15.25 -7.22 1.45
N ARG A 526 -16.09 -8.25 1.52
CA ARG A 526 -15.64 -9.59 1.17
C ARG A 526 -15.07 -9.58 -0.24
N GLY A 527 -14.27 -10.61 -0.53
CA GLY A 527 -13.47 -10.67 -1.71
C GLY A 527 -12.10 -10.13 -1.43
N GLY A 528 -12.00 -9.24 -0.45
CA GLY A 528 -10.71 -8.73 -0.03
C GLY A 528 -9.98 -9.75 0.87
N GLY A 529 -8.81 -9.34 1.36
CA GLY A 529 -7.97 -10.21 2.19
C GLY A 529 -7.99 -9.80 3.65
N GLU A 530 -8.91 -8.93 4.07
CA GLU A 530 -8.86 -8.37 5.41
C GLU A 530 -8.98 -9.45 6.50
N TYR A 531 -9.76 -10.50 6.26
CA TYR A 531 -9.88 -11.59 7.23
C TYR A 531 -9.41 -12.88 6.54
N GLY A 532 -8.39 -12.73 5.72
CA GLY A 532 -7.74 -13.88 5.13
C GLY A 532 -8.47 -14.61 4.02
N ASP A 533 -8.09 -15.87 3.83
CA ASP A 533 -8.54 -16.56 2.65
C ASP A 533 -10.06 -16.79 2.67
N ALA A 534 -10.65 -17.00 3.85
CA ALA A 534 -12.10 -17.21 3.92
C ALA A 534 -12.86 -15.96 3.44
N TRP A 535 -12.27 -14.81 3.74
CA TRP A 535 -12.88 -13.52 3.39
C TRP A 535 -12.84 -13.36 1.88
N HIS A 536 -11.71 -13.70 1.29
CA HIS A 536 -11.53 -13.65 -0.16
C HIS A 536 -12.52 -14.59 -0.86
N ASP A 537 -12.55 -15.85 -0.41
CA ASP A 537 -13.40 -16.89 -0.99
C ASP A 537 -14.90 -16.54 -0.90
N ALA A 538 -15.28 -15.83 0.15
CA ALA A 538 -16.63 -15.39 0.35
C ALA A 538 -17.07 -14.26 -0.59
N GLY A 539 -16.15 -13.74 -1.37
CA GLY A 539 -16.49 -12.74 -2.33
C GLY A 539 -15.91 -12.96 -3.70
N ARG A 540 -15.85 -14.22 -4.13
CA ARG A 540 -15.42 -14.52 -5.45
C ARG A 540 -16.17 -15.69 -6.09
N ARG A 541 -15.98 -15.86 -7.39
CA ARG A 541 -16.62 -16.94 -8.13
C ARG A 541 -18.18 -16.87 -7.97
N ASP A 542 -18.83 -17.93 -7.49
CA ASP A 542 -20.30 -17.93 -7.37
C ASP A 542 -20.79 -16.96 -6.31
N LYS A 543 -19.90 -16.58 -5.38
CA LYS A 543 -20.22 -15.64 -4.30
C LYS A 543 -19.81 -14.22 -4.57
N LYS A 544 -19.46 -13.90 -5.83
CA LYS A 544 -19.12 -12.52 -6.16
C LYS A 544 -20.23 -11.54 -5.79
N GLN A 545 -21.51 -11.93 -5.91
CA GLN A 545 -22.62 -11.05 -5.55
C GLN A 545 -22.57 -10.61 -4.09
N ASN A 546 -21.98 -11.42 -3.20
CA ASN A 546 -21.80 -10.97 -1.80
C ASN A 546 -21.06 -9.64 -1.68
N VAL A 547 -20.11 -9.39 -2.58
CA VAL A 547 -19.31 -8.17 -2.58
C VAL A 547 -20.23 -6.97 -2.81
N PHE A 548 -21.13 -7.16 -3.76
CA PHE A 548 -22.06 -6.13 -4.18
C PHE A 548 -23.10 -5.91 -3.08
N ASP A 549 -23.57 -6.97 -2.44
CA ASP A 549 -24.47 -6.81 -1.34
C ASP A 549 -23.82 -6.09 -0.17
N ASP A 550 -22.55 -6.41 0.11
CA ASP A 550 -21.82 -5.76 1.20
C ASP A 550 -21.76 -4.25 0.94
N PHE A 551 -21.54 -3.88 -0.31
CA PHE A 551 -21.30 -2.46 -0.62
C PHE A 551 -22.61 -1.68 -0.62
N ILE A 552 -23.65 -2.31 -1.12
CA ILE A 552 -24.97 -1.73 -1.03
C ILE A 552 -25.35 -1.55 0.45
N ALA A 553 -25.13 -2.56 1.28
CA ALA A 553 -25.41 -2.43 2.69
C ALA A 553 -24.59 -1.34 3.38
N ALA A 554 -23.37 -1.10 2.91
CA ALA A 554 -22.56 0.00 3.44
C ALA A 554 -23.25 1.33 3.16
N GLY A 555 -23.69 1.52 1.90
CA GLY A 555 -24.41 2.71 1.48
C GLY A 555 -25.69 2.95 2.28
N GLU A 556 -26.44 1.88 2.49
CA GLU A 556 -27.64 1.95 3.30
C GLU A 556 -27.37 2.36 4.74
N TRP A 557 -26.29 1.84 5.30
CA TRP A 557 -25.92 2.03 6.69
C TRP A 557 -25.58 3.50 6.90
N LEU A 558 -24.84 4.07 5.96
CA LEU A 558 -24.38 5.44 6.10
C LEU A 558 -25.57 6.42 6.10
N ILE A 559 -26.56 6.12 5.29
CA ILE A 559 -27.80 6.92 5.22
C ILE A 559 -28.65 6.72 6.44
N ALA A 560 -28.79 5.46 6.87
CA ALA A 560 -29.63 5.13 8.02
C ALA A 560 -29.07 5.67 9.32
N ASN A 561 -27.75 5.79 9.37
CA ASN A 561 -27.10 6.13 10.61
C ASN A 561 -26.61 7.56 10.67
N GLY A 562 -27.11 8.40 9.76
CA GLY A 562 -26.86 9.82 9.83
C GLY A 562 -25.51 10.34 9.39
N VAL A 563 -24.70 9.51 8.72
CA VAL A 563 -23.44 9.98 8.13
C VAL A 563 -23.65 10.77 6.84
N THR A 564 -24.67 10.36 6.06
CA THR A 564 -24.92 10.84 4.70
C THR A 564 -26.38 11.14 4.45
N PRO A 565 -26.69 12.23 3.76
CA PRO A 565 -28.08 12.47 3.35
C PRO A 565 -28.56 11.43 2.39
N ARG A 566 -29.87 11.23 2.37
CA ARG A 566 -30.50 10.29 1.43
C ARG A 566 -30.01 10.44 0.00
N HIS A 567 -29.88 11.68 -0.47
CA HIS A 567 -29.47 11.95 -1.84
C HIS A 567 -28.05 12.52 -1.94
N GLY A 568 -27.20 12.21 -0.95
CA GLY A 568 -25.84 12.71 -0.91
C GLY A 568 -24.76 11.65 -0.94
N LEU A 569 -25.05 10.46 -1.42
CA LEU A 569 -24.04 9.40 -1.52
C LEU A 569 -23.40 9.28 -2.92
N ALA A 570 -22.09 9.41 -2.98
CA ALA A 570 -21.32 9.15 -4.20
C ALA A 570 -20.44 7.91 -3.99
N ILE A 571 -20.18 7.16 -5.06
CA ILE A 571 -19.35 5.97 -4.94
C ILE A 571 -18.25 5.99 -5.98
N GLU A 572 -17.09 5.45 -5.62
CA GLU A 572 -15.93 5.43 -6.54
C GLU A 572 -15.28 4.07 -6.37
N GLY A 573 -14.64 3.60 -7.44
CA GLY A 573 -13.88 2.38 -7.42
C GLY A 573 -13.14 2.24 -8.74
N GLY A 574 -12.06 1.45 -8.76
CA GLY A 574 -11.21 1.27 -9.93
C GLY A 574 -10.87 -0.20 -10.23
N SER A 575 -10.91 -0.59 -11.51
CA SER A 575 -10.52 -1.92 -12.02
C SER A 575 -11.62 -2.95 -11.58
N ASN A 576 -11.25 -3.93 -10.81
CA ASN A 576 -12.26 -4.72 -10.08
C ASN A 576 -13.21 -3.84 -9.25
N GLY A 577 -12.69 -2.75 -8.71
CA GLY A 577 -13.49 -1.74 -8.07
C GLY A 577 -14.39 -0.97 -9.03
N GLY A 578 -14.01 -0.84 -10.30
CA GLY A 578 -14.92 -0.29 -11.29
C GLY A 578 -16.08 -1.21 -11.67
N LEU A 579 -15.81 -2.51 -11.71
CA LEU A 579 -16.87 -3.52 -11.84
C LEU A 579 -17.88 -3.34 -10.67
N LEU A 580 -17.35 -3.18 -9.45
CA LEU A 580 -18.17 -2.98 -8.24
C LEU A 580 -19.12 -1.83 -8.46
N ILE A 581 -18.59 -0.71 -8.91
CA ILE A 581 -19.41 0.47 -9.13
C ILE A 581 -20.48 0.23 -10.21
N GLY A 582 -20.10 -0.39 -11.32
CA GLY A 582 -21.03 -0.69 -12.42
C GLY A 582 -22.16 -1.61 -11.96
N ALA A 583 -21.81 -2.62 -11.15
CA ALA A 583 -22.79 -3.61 -10.77
C ALA A 583 -23.79 -3.03 -9.74
N VAL A 584 -23.32 -2.33 -8.72
CA VAL A 584 -24.25 -1.79 -7.72
C VAL A 584 -25.07 -0.62 -8.34
N THR A 585 -24.54 0.06 -9.33
CA THR A 585 -25.27 1.13 -10.01
C THR A 585 -26.50 0.54 -10.78
N ASN A 586 -26.33 -0.59 -11.45
CA ASN A 586 -27.46 -1.27 -12.09
C ASN A 586 -28.47 -1.78 -11.08
N GLN A 587 -28.00 -2.32 -9.95
CA GLN A 587 -28.88 -3.01 -8.99
C GLN A 587 -29.65 -2.02 -8.11
N ARG A 588 -28.99 -0.93 -7.72
CA ARG A 588 -29.59 0.07 -6.81
C ARG A 588 -29.28 1.49 -7.24
N PRO A 589 -29.73 1.86 -8.43
CA PRO A 589 -29.50 3.22 -8.95
C PRO A 589 -30.14 4.27 -8.04
N ASP A 590 -31.20 3.90 -7.32
CA ASP A 590 -31.85 4.82 -6.36
C ASP A 590 -31.02 5.18 -5.14
N LEU A 591 -30.02 4.37 -4.82
CA LEU A 591 -29.21 4.61 -3.63
C LEU A 591 -28.11 5.67 -3.76
N PHE A 592 -27.68 5.96 -5.00
CA PHE A 592 -26.48 6.74 -5.30
C PHE A 592 -26.83 8.00 -6.07
N ALA A 593 -26.30 9.12 -5.61
CA ALA A 593 -26.47 10.37 -6.35
C ALA A 593 -25.54 10.43 -7.53
N ALA A 594 -24.34 9.86 -7.37
CA ALA A 594 -23.36 9.90 -8.43
C ALA A 594 -22.41 8.74 -8.29
N ALA A 595 -21.76 8.35 -9.38
CA ALA A 595 -20.80 7.25 -9.38
C ALA A 595 -19.68 7.51 -10.38
N SER A 596 -18.47 7.05 -10.04
CA SER A 596 -17.34 7.16 -10.97
C SER A 596 -16.54 5.85 -10.95
N PRO A 597 -16.81 4.97 -11.93
CA PRO A 597 -15.98 3.78 -12.12
C PRO A 597 -14.75 4.10 -12.95
N ALA A 598 -13.54 3.87 -12.43
CA ALA A 598 -12.32 3.96 -13.19
C ALA A 598 -11.89 2.61 -13.74
N VAL A 599 -11.54 2.57 -15.03
CA VAL A 599 -10.97 1.41 -15.68
C VAL A 599 -11.65 0.11 -15.32
N GLY A 600 -12.98 0.12 -15.39
CA GLY A 600 -13.78 -0.96 -14.80
C GLY A 600 -13.86 -2.13 -15.76
N VAL A 601 -13.93 -3.33 -15.22
CA VAL A 601 -14.20 -4.54 -16.01
C VAL A 601 -15.73 -4.67 -16.26
N MET A 602 -16.22 -4.03 -17.30
CA MET A 602 -17.67 -3.84 -17.50
C MET A 602 -18.35 -4.95 -18.31
N ASP A 603 -17.60 -5.59 -19.21
CA ASP A 603 -18.12 -6.73 -19.93
C ASP A 603 -17.53 -8.02 -19.34
N MET A 604 -18.27 -8.59 -18.41
CA MET A 604 -17.84 -9.74 -17.64
C MET A 604 -18.07 -11.04 -18.40
N LEU A 605 -18.65 -10.96 -19.58
CA LEU A 605 -18.77 -12.12 -20.44
C LEU A 605 -17.58 -12.27 -21.37
N ARG A 606 -16.84 -11.17 -21.59
CA ARG A 606 -15.74 -11.16 -22.54
C ARG A 606 -14.38 -10.73 -21.93
N PHE A 607 -14.29 -10.64 -20.62
CA PHE A 607 -13.09 -10.09 -19.96
C PHE A 607 -11.83 -10.91 -20.25
N ASP A 608 -12.02 -12.20 -20.43
CA ASP A 608 -10.92 -13.10 -20.71
C ASP A 608 -10.47 -13.16 -22.18
N GLN A 609 -11.08 -12.36 -23.05
CA GLN A 609 -10.71 -12.27 -24.46
C GLN A 609 -9.61 -11.26 -24.69
N PHE A 610 -9.23 -10.52 -23.65
CA PHE A 610 -8.27 -9.42 -23.86
C PHE A 610 -6.99 -9.58 -23.08
N THR A 611 -5.97 -8.88 -23.58
CA THR A 611 -4.64 -8.86 -22.98
C THR A 611 -4.50 -9.97 -21.92
N ALA A 612 -4.68 -9.51 -20.70
CA ALA A 612 -4.30 -9.99 -19.42
C ALA A 612 -5.48 -10.55 -18.61
N GLY A 613 -6.68 -10.43 -19.17
CA GLY A 613 -7.89 -10.65 -18.40
C GLY A 613 -8.09 -12.12 -18.11
N ARG A 614 -7.48 -12.98 -18.91
CA ARG A 614 -7.60 -14.44 -18.65
C ARG A 614 -7.07 -14.85 -17.26
N TYR A 615 -6.18 -14.09 -16.68
CA TYR A 615 -5.67 -14.36 -15.33
C TYR A 615 -6.76 -14.10 -14.26
N TRP A 616 -7.80 -13.36 -14.59
CA TRP A 616 -8.82 -13.04 -13.59
C TRP A 616 -9.86 -14.11 -13.37
N VAL A 617 -9.82 -15.20 -14.15
CA VAL A 617 -10.73 -16.31 -13.95
C VAL A 617 -10.68 -16.88 -12.56
N ASP A 618 -9.56 -16.73 -11.85
CA ASP A 618 -9.47 -17.27 -10.47
C ASP A 618 -10.46 -16.63 -9.52
N ASP A 619 -10.80 -15.35 -9.75
CA ASP A 619 -11.86 -14.75 -8.96
C ASP A 619 -13.20 -14.76 -9.66
N TYR A 620 -13.22 -14.59 -10.99
CA TYR A 620 -14.48 -14.37 -11.72
C TYR A 620 -15.17 -15.60 -12.28
N GLY A 621 -14.38 -16.63 -12.52
CA GLY A 621 -14.85 -17.86 -13.14
C GLY A 621 -14.60 -17.85 -14.62
N TYR A 622 -15.16 -18.86 -15.31
CA TYR A 622 -14.85 -19.14 -16.71
C TYR A 622 -16.06 -18.95 -17.61
N PRO A 623 -16.07 -17.94 -18.47
CA PRO A 623 -17.22 -17.71 -19.36
C PRO A 623 -17.62 -18.84 -20.28
N GLU A 624 -16.67 -19.70 -20.64
CA GLU A 624 -16.92 -20.88 -21.47
C GLU A 624 -17.63 -22.01 -20.73
N LYS A 625 -17.70 -21.89 -19.41
CA LYS A 625 -18.41 -22.85 -18.56
C LYS A 625 -19.84 -22.37 -18.23
N GLU A 626 -20.85 -23.20 -18.53
CA GLU A 626 -22.23 -22.74 -18.43
C GLU A 626 -22.58 -22.11 -17.11
N ALA A 627 -22.39 -22.84 -16.03
CA ALA A 627 -22.74 -22.37 -14.70
C ALA A 627 -22.00 -21.06 -14.33
N ASP A 628 -20.72 -20.94 -14.70
CA ASP A 628 -19.95 -19.72 -14.38
C ASP A 628 -20.48 -18.55 -15.24
N TRP A 629 -20.83 -18.83 -16.48
CA TRP A 629 -21.41 -17.86 -17.38
C TRP A 629 -22.73 -17.29 -16.79
N ARG A 630 -23.58 -18.12 -16.22
CA ARG A 630 -24.86 -17.66 -15.69
C ARG A 630 -24.64 -16.75 -14.49
N VAL A 631 -23.66 -17.09 -13.67
CA VAL A 631 -23.31 -16.24 -12.52
C VAL A 631 -22.84 -14.87 -13.05
N LEU A 632 -21.99 -14.86 -14.08
CA LEU A 632 -21.41 -13.61 -14.63
C LEU A 632 -22.51 -12.74 -15.30
N ARG A 633 -23.41 -13.41 -16.01
CA ARG A 633 -24.49 -12.72 -16.74
C ARG A 633 -25.40 -11.96 -15.78
N ARG A 634 -25.55 -12.43 -14.57
CA ARG A 634 -26.41 -11.77 -13.60
C ARG A 634 -25.91 -10.42 -13.14
N TYR A 635 -24.60 -10.16 -13.27
CA TYR A 635 -24.04 -8.88 -12.82
C TYR A 635 -23.15 -8.10 -13.78
N SER A 636 -22.81 -8.66 -14.94
CA SER A 636 -22.00 -7.96 -15.93
C SER A 636 -22.57 -6.57 -16.18
N PRO A 637 -21.89 -5.49 -15.74
CA PRO A 637 -22.50 -4.14 -15.84
C PRO A 637 -23.01 -3.78 -17.27
N TYR A 638 -22.29 -4.15 -18.30
CA TYR A 638 -22.67 -3.78 -19.68
C TYR A 638 -23.98 -4.44 -20.10
N HIS A 639 -24.26 -5.62 -19.57
CA HIS A 639 -25.43 -6.41 -19.98
C HIS A 639 -26.63 -6.18 -19.07
N ASN A 640 -26.46 -5.38 -18.01
CA ASN A 640 -27.54 -5.18 -17.03
C ASN A 640 -28.01 -3.75 -16.84
N VAL A 641 -27.75 -2.90 -17.80
CA VAL A 641 -28.35 -1.55 -17.77
C VAL A 641 -29.88 -1.66 -17.93
N ARG A 642 -30.63 -0.97 -17.08
CA ARG A 642 -32.10 -1.11 -16.97
C ARG A 642 -32.84 0.11 -17.44
N SER A 643 -33.48 0.04 -18.59
CA SER A 643 -34.21 1.22 -19.03
C SER A 643 -35.49 1.43 -18.23
N GLY A 644 -35.91 2.67 -18.18
CA GLY A 644 -37.07 3.09 -17.44
C GLY A 644 -36.82 3.52 -16.01
N VAL A 645 -35.55 3.48 -15.58
CA VAL A 645 -35.18 3.72 -14.20
C VAL A 645 -34.20 4.89 -14.22
N ASP A 646 -34.36 5.89 -13.35
CA ASP A 646 -33.40 7.00 -13.27
C ASP A 646 -32.06 6.54 -12.61
N TYR A 647 -30.98 6.73 -13.34
CA TYR A 647 -29.65 6.36 -12.89
C TYR A 647 -28.99 7.57 -12.24
N PRO A 648 -28.00 7.31 -11.41
CA PRO A 648 -27.17 8.39 -10.90
C PRO A 648 -26.42 9.09 -12.04
N ALA A 649 -25.87 10.24 -11.72
CA ALA A 649 -24.84 10.85 -12.59
C ALA A 649 -23.64 9.91 -12.55
N ILE A 650 -23.00 9.68 -13.71
CA ILE A 650 -21.93 8.72 -13.81
C ILE A 650 -20.83 9.30 -14.66
N LEU A 651 -19.60 9.26 -14.14
CA LEU A 651 -18.42 9.70 -14.88
C LEU A 651 -17.49 8.51 -14.91
N VAL A 652 -17.52 7.82 -16.05
CA VAL A 652 -16.62 6.74 -16.36
C VAL A 652 -15.22 7.32 -16.69
N THR A 653 -14.15 6.75 -16.15
CA THR A 653 -12.79 7.27 -16.51
C THR A 653 -11.90 6.17 -16.97
N THR A 654 -11.09 6.47 -17.99
CA THR A 654 -10.09 5.53 -18.49
C THR A 654 -9.18 6.30 -19.43
N ALA A 655 -7.98 5.78 -19.68
CA ALA A 655 -7.16 6.28 -20.79
C ALA A 655 -7.64 5.58 -22.05
N ASP A 656 -7.21 6.06 -23.20
CA ASP A 656 -7.70 5.56 -24.48
C ASP A 656 -7.01 4.26 -24.89
N THR A 657 -5.86 4.00 -24.28
CA THR A 657 -5.22 2.68 -24.25
C THR A 657 -4.86 2.27 -22.84
N ASP A 658 -4.87 0.96 -22.60
CA ASP A 658 -4.65 0.42 -21.27
C ASP A 658 -4.41 -1.07 -21.42
N ASP A 659 -3.23 -1.51 -20.99
CA ASP A 659 -2.85 -2.93 -21.11
C ASP A 659 -3.51 -3.85 -20.11
N ARG A 660 -3.94 -3.27 -19.00
CA ARG A 660 -4.41 -4.04 -17.89
C ARG A 660 -5.88 -4.29 -18.02
N VAL A 661 -6.68 -3.23 -18.04
CA VAL A 661 -8.10 -3.36 -18.36
C VAL A 661 -8.35 -2.63 -19.68
N VAL A 662 -8.64 -3.36 -20.75
CA VAL A 662 -8.77 -2.70 -22.06
C VAL A 662 -9.90 -1.65 -22.00
N PRO A 663 -9.69 -0.50 -22.63
CA PRO A 663 -10.66 0.58 -22.51
C PRO A 663 -12.01 0.27 -23.13
N GLY A 664 -12.03 -0.70 -24.05
CA GLY A 664 -13.27 -1.15 -24.63
C GLY A 664 -14.36 -1.46 -23.63
N HIS A 665 -14.03 -1.99 -22.46
CA HIS A 665 -15.01 -2.21 -21.40
C HIS A 665 -15.74 -0.89 -21.09
N SER A 666 -14.98 0.15 -20.79
CA SER A 666 -15.54 1.46 -20.45
C SER A 666 -16.27 2.11 -21.64
N PHE A 667 -15.72 1.95 -22.84
CA PHE A 667 -16.31 2.55 -24.00
C PHE A 667 -17.67 1.92 -24.23
N LYS A 668 -17.80 0.59 -24.21
CA LYS A 668 -19.10 -0.08 -24.52
C LYS A 668 -20.12 0.21 -23.45
N TYR A 669 -19.66 0.25 -22.19
CA TYR A 669 -20.51 0.55 -21.05
C TYR A 669 -21.09 1.95 -21.15
N THR A 670 -20.28 2.92 -21.55
CA THR A 670 -20.74 4.29 -21.77
C THR A 670 -21.76 4.40 -22.92
N ALA A 671 -21.48 3.71 -24.02
CA ALA A 671 -22.43 3.67 -25.14
C ALA A 671 -23.77 3.13 -24.70
N ALA A 672 -23.77 2.07 -23.87
CA ALA A 672 -24.97 1.48 -23.36
C ALA A 672 -25.75 2.44 -22.48
N LEU A 673 -25.06 3.11 -21.53
CA LEU A 673 -25.72 4.09 -20.66
C LEU A 673 -26.31 5.26 -21.45
N GLN A 674 -25.57 5.80 -22.43
CA GLN A 674 -26.02 6.99 -23.18
C GLN A 674 -27.19 6.62 -24.11
N THR A 675 -27.22 5.38 -24.59
CA THR A 675 -28.31 4.87 -25.41
C THR A 675 -29.58 4.51 -24.62
N ALA A 676 -29.43 4.09 -23.36
CA ALA A 676 -30.56 3.67 -22.55
C ALA A 676 -31.42 4.84 -22.09
N ALA A 677 -32.67 4.53 -21.76
CA ALA A 677 -33.61 5.49 -21.15
C ALA A 677 -33.51 5.49 -19.61
N ILE A 678 -32.53 6.21 -19.08
CA ILE A 678 -32.16 6.11 -17.66
C ILE A 678 -32.08 7.49 -17.02
N GLY A 679 -32.92 8.39 -17.52
CA GLY A 679 -33.10 9.66 -16.90
C GLY A 679 -32.11 10.72 -17.36
N PRO A 680 -32.27 11.89 -16.77
CA PRO A 680 -31.64 13.11 -17.28
C PRO A 680 -30.23 13.42 -16.76
N LYS A 681 -29.71 12.68 -15.79
CA LYS A 681 -28.39 12.97 -15.22
C LYS A 681 -27.30 12.61 -16.24
N PRO A 682 -26.19 13.33 -16.24
CA PRO A 682 -25.10 13.09 -17.21
C PRO A 682 -24.48 11.70 -17.04
N HIS A 683 -24.28 10.97 -18.14
CA HIS A 683 -23.63 9.68 -18.16
C HIS A 683 -22.49 9.81 -19.16
N LEU A 684 -21.30 10.07 -18.62
CA LEU A 684 -20.20 10.62 -19.37
C LEU A 684 -18.97 9.78 -19.25
N ILE A 685 -18.07 9.90 -20.23
CA ILE A 685 -16.79 9.21 -20.11
C ILE A 685 -15.67 10.22 -20.27
N ARG A 686 -14.76 10.25 -19.31
CA ARG A 686 -13.57 11.11 -19.39
C ARG A 686 -12.42 10.23 -19.84
N ILE A 687 -11.90 10.53 -21.01
CA ILE A 687 -10.89 9.69 -21.62
C ILE A 687 -9.57 10.47 -21.68
N GLU A 688 -8.57 9.97 -20.97
CA GLU A 688 -7.22 10.61 -20.88
C GLU A 688 -6.28 10.12 -21.97
N PRO A 698 2.36 13.66 -15.24
CA PRO A 698 2.16 12.35 -14.60
C PRO A 698 1.34 12.54 -13.31
N ILE A 699 1.95 13.11 -12.27
CA ILE A 699 1.18 13.59 -11.11
C ILE A 699 0.21 14.70 -11.54
N ASP A 700 0.65 15.49 -12.51
CA ASP A 700 -0.12 16.56 -13.09
C ASP A 700 -1.44 16.05 -13.72
N LYS A 701 -1.35 14.95 -14.46
CA LYS A 701 -2.54 14.31 -15.02
C LYS A 701 -3.45 13.79 -13.91
N GLN A 702 -2.87 13.19 -12.87
CA GLN A 702 -3.69 12.60 -11.80
C GLN A 702 -4.46 13.71 -11.04
N ILE A 703 -3.82 14.86 -10.79
CA ILE A 703 -4.48 15.99 -10.11
C ILE A 703 -5.69 16.49 -10.93
N GLU A 704 -5.51 16.62 -12.24
CA GLU A 704 -6.58 17.10 -13.11
C GLU A 704 -7.73 16.10 -13.10
N GLU A 705 -7.43 14.81 -13.16
CA GLU A 705 -8.47 13.77 -13.19
C GLU A 705 -9.27 13.79 -11.86
N THR A 706 -8.54 13.86 -10.76
CA THR A 706 -9.14 13.88 -9.44
C THR A 706 -10.03 15.11 -9.26
N ALA A 707 -9.54 16.25 -9.68
CA ALA A 707 -10.33 17.48 -9.57
C ALA A 707 -11.65 17.37 -10.38
N ASP A 708 -11.57 16.85 -11.59
CA ASP A 708 -12.74 16.63 -12.47
C ASP A 708 -13.74 15.67 -11.81
N VAL A 709 -13.23 14.53 -11.39
CA VAL A 709 -14.10 13.52 -10.79
C VAL A 709 -14.72 14.09 -9.54
N GLN A 710 -13.92 14.66 -8.65
CA GLN A 710 -14.50 15.14 -7.42
C GLN A 710 -15.45 16.33 -7.61
N ALA A 711 -15.17 17.19 -8.56
CA ALA A 711 -16.12 18.28 -8.88
C ALA A 711 -17.45 17.70 -9.34
N PHE A 712 -17.39 16.67 -10.19
CA PHE A 712 -18.62 15.97 -10.68
C PHE A 712 -19.36 15.37 -9.49
N LEU A 713 -18.68 14.56 -8.70
CA LEU A 713 -19.32 13.95 -7.52
C LEU A 713 -19.85 15.00 -6.53
N ALA A 714 -19.08 16.06 -6.29
CA ALA A 714 -19.54 17.16 -5.40
C ALA A 714 -20.80 17.84 -5.92
N HIS A 715 -20.82 18.11 -7.20
CA HIS A 715 -21.95 18.81 -7.83
C HIS A 715 -23.25 18.02 -7.60
N PHE A 716 -23.16 16.69 -7.78
CA PHE A 716 -24.35 15.84 -7.72
C PHE A 716 -24.68 15.34 -6.31
N THR A 717 -23.79 15.55 -5.33
CA THR A 717 -24.14 15.27 -3.95
C THR A 717 -24.41 16.50 -3.09
N GLY A 718 -24.30 17.68 -3.65
CA GLY A 718 -24.56 18.89 -2.87
C GLY A 718 -23.40 19.36 -2.01
N LEU A 719 -22.17 18.96 -2.33
CA LEU A 719 -21.03 19.43 -1.59
C LEU A 719 -20.55 20.77 -2.12
N THR A 720 -20.54 21.77 -1.23
CA THR A 720 -19.87 23.03 -1.50
C THR A 720 -18.53 23.01 -0.78
N PRO A 721 -17.41 22.94 -1.49
CA PRO A 721 -16.07 22.88 -0.85
C PRO A 721 -15.83 24.06 0.08
N ARG A 722 -15.52 23.78 1.35
CA ARG A 722 -15.23 24.81 2.33
C ARG A 722 -14.03 24.45 3.19
N PRO A 723 -13.21 25.43 3.54
CA PRO A 723 -12.12 25.19 4.47
C PRO A 723 -12.59 25.22 5.93
N TRP A 724 -11.82 24.59 6.81
CA TRP A 724 -12.01 24.75 8.25
C TRP A 724 -10.78 24.28 8.96
N SER A 725 -10.52 24.88 10.11
CA SER A 725 -9.48 24.36 11.01
C SER A 725 -9.77 24.74 12.45
N SER A 726 -9.25 23.97 13.40
CA SER A 726 -9.43 24.29 14.81
C SER A 726 -8.74 25.62 15.14
N VAL A 727 -7.62 25.90 14.45
CA VAL A 727 -6.96 27.21 14.58
C VAL A 727 -7.95 28.34 14.26
N ASP A 728 -8.65 28.21 13.13
CA ASP A 728 -9.56 29.24 12.69
C ASP A 728 -10.82 29.27 13.57
N LYS A 729 -11.28 28.12 14.08
CA LYS A 729 -12.42 28.13 15.04
C LYS A 729 -12.08 28.91 16.31
N LEU A 730 -10.89 28.65 16.88
CA LEU A 730 -10.42 29.39 18.05
C LEU A 730 -10.35 30.90 17.79
N ALA A 731 -9.78 31.30 16.66
CA ALA A 731 -9.69 32.72 16.32
C ALA A 731 -11.08 33.39 16.24
N ALA A 732 -11.99 32.74 15.53
CA ALA A 732 -13.38 33.16 15.45
C ALA A 732 -14.02 33.28 16.83
N ALA A 733 -13.80 32.30 17.70
CA ALA A 733 -14.39 32.37 19.03
C ALA A 733 -13.91 33.61 19.81
N LEU A 734 -12.62 33.92 19.64
CA LEU A 734 -11.99 34.98 20.44
C LEU A 734 -12.45 36.38 19.96
N GLU A 735 -12.71 36.56 18.65
CA GLU A 735 -13.21 37.85 18.16
C GLU A 735 -14.43 38.40 18.93
N HIS A 736 -15.32 37.53 19.41
CA HIS A 736 -16.57 37.93 20.08
C HIS A 736 -16.32 38.70 21.39
N HIS A 737 -15.22 38.39 22.06
CA HIS A 737 -14.80 39.05 23.30
C HIS A 737 -14.11 40.42 23.02
N HIS A 738 -14.63 41.21 22.06
CA HIS A 738 -14.17 42.57 21.80
C HIS A 738 -15.30 43.48 21.34
C1 GOL B . -30.72 8.18 -7.10
O1 GOL B . -32.08 8.23 -6.73
C2 GOL B . -30.53 8.62 -8.54
O2 GOL B . -29.37 9.43 -8.56
C3 GOL B . -31.72 9.46 -9.05
O3 GOL B . -31.33 10.25 -10.16
C1 GOL C . 36.58 9.14 9.51
O1 GOL C . 37.25 8.34 8.60
C2 GOL C . 36.62 8.46 10.86
O2 GOL C . 36.11 9.48 11.65
C3 GOL C . 38.06 8.07 11.26
O3 GOL C . 38.26 8.01 12.67
#